data_5X5U
#
_entry.id   5X5U
#
_cell.length_a   129.305
_cell.length_b   129.305
_cell.length_c   118.360
_cell.angle_alpha   90.000
_cell.angle_beta   90.000
_cell.angle_gamma   90.000
#
_symmetry.space_group_name_H-M   'P 43 2 2'
#
loop_
_entity.id
_entity.type
_entity.pdbx_description
1 polymer 'Alpha-ketoglutaric semialdehyde dehydrogenase'
2 non-polymer NICOTINAMIDE-ADENINE-DINUCLEOTIDE
3 non-polymer GLYCEROL
4 water water
#
_entity_poly.entity_id   1
_entity_poly.type   'polypeptide(L)'
_entity_poly.pdbx_seq_one_letter_code
;MSYYHHHHHHDYDIPTTENIYFQGAANVTYTDTQLLIDGEWVDAASGKTIDVVNPATGKPIGRVAHAGIADLDRALAAAQ
SGFEAWRKVPAHERAATMRKAAALVRERADAIAQLMTQEQGKPLTEARVEVLSAADIIEWFADEGRRVYGRIVPPRNLGA
QQTVVKEPVGPVAAFTPWNFPVNQVVRKLSAALATGCSFLVKAPEETPASPAALLRAFVDAGVPAGVIGLVYGDPAEISS
YLIPHPVIRKVTFTGSTPVGKQLASLAGLHMKRATMELGGHAPVIVAEDADVALAVKAAGGAKFRNAGQVCISPTRFLVH
NSIRDEFTRALVKHAEGLKVGNGLEEGTTLGALANPRRLTAMASVIDNARKVGASIETGGERIGSEGNFFAPTVIANVPL
DADVFNNEPFGPVAAIRGFDKLEEAIAEANRLPFGLAGYAFTRSFANVHLLTQRLEVGMLWINQPATPWPEMPFGGVKDS
GYGSEGGPEALEPYLVTKSVTVMAV
;
_entity_poly.pdbx_strand_id   A,B
#
loop_
_chem_comp.id
_chem_comp.type
_chem_comp.name
_chem_comp.formula
GOL non-polymer GLYCEROL 'C3 H8 O3'
NAD non-polymer NICOTINAMIDE-ADENINE-DINUCLEOTIDE 'C21 H27 N7 O14 P2'
#
# COMPACT_ATOMS: atom_id res chain seq x y z
N THR A 29 31.57 2.71 -29.98
CA THR A 29 30.16 3.10 -30.39
C THR A 29 29.17 3.26 -29.17
N TYR A 30 28.74 4.51 -28.93
CA TYR A 30 27.74 4.80 -27.93
C TYR A 30 26.90 6.01 -28.40
N THR A 31 25.64 5.97 -28.04
CA THR A 31 24.58 6.62 -28.71
C THR A 31 24.03 7.67 -27.75
N ASP A 32 23.83 8.90 -28.22
CA ASP A 32 23.09 9.90 -27.44
C ASP A 32 21.61 9.44 -27.21
N THR A 33 20.95 9.95 -26.18
CA THR A 33 19.59 9.49 -25.80
C THR A 33 18.61 10.65 -25.72
N GLN A 34 17.39 10.40 -26.14
CA GLN A 34 16.33 11.35 -26.27
C GLN A 34 15.19 10.93 -25.36
N LEU A 35 14.19 11.79 -25.28
CA LEU A 35 13.00 11.51 -24.55
C LEU A 35 12.09 10.72 -25.41
N LEU A 36 11.20 9.99 -24.77
CA LEU A 36 10.16 9.28 -25.49
C LEU A 36 8.85 9.91 -25.02
N ILE A 37 8.18 10.63 -25.90
CA ILE A 37 6.94 11.31 -25.61
C ILE A 37 6.01 11.12 -26.81
N ASP A 38 4.85 10.55 -26.56
CA ASP A 38 3.82 10.34 -27.56
C ASP A 38 4.29 9.64 -28.82
N GLY A 39 5.01 8.54 -28.64
CA GLY A 39 5.47 7.72 -29.73
C GLY A 39 6.69 8.27 -30.49
N GLU A 40 7.33 9.33 -30.02
CA GLU A 40 8.43 9.94 -30.76
C GLU A 40 9.59 10.09 -29.84
N TRP A 41 10.75 9.83 -30.42
CA TRP A 41 12.03 10.21 -29.80
C TRP A 41 12.31 11.69 -30.08
N VAL A 42 12.42 12.50 -29.02
CA VAL A 42 12.54 13.94 -29.14
C VAL A 42 13.56 14.53 -28.18
N ASP A 43 14.08 15.70 -28.55
CA ASP A 43 14.90 16.48 -27.65
C ASP A 43 13.98 17.15 -26.64
N ALA A 44 14.55 17.67 -25.54
CA ALA A 44 13.77 18.58 -24.68
C ALA A 44 13.45 19.82 -25.52
N ALA A 45 12.31 20.45 -25.27
CA ALA A 45 11.94 21.69 -25.98
C ALA A 45 13.13 22.69 -25.94
N SER A 46 13.77 22.77 -24.76
CA SER A 46 14.91 23.66 -24.52
C SER A 46 16.22 23.33 -25.26
N GLY A 47 16.39 22.10 -25.74
CA GLY A 47 17.69 21.67 -26.26
C GLY A 47 18.72 21.33 -25.18
N LYS A 48 18.38 21.47 -23.90
CA LYS A 48 19.34 21.16 -22.84
C LYS A 48 19.66 19.66 -22.88
N THR A 49 20.92 19.33 -22.63
CA THR A 49 21.38 17.95 -22.43
C THR A 49 22.28 17.86 -21.17
N ILE A 50 22.55 16.63 -20.76
CA ILE A 50 23.41 16.32 -19.64
C ILE A 50 24.46 15.41 -20.26
N ASP A 51 25.72 15.57 -19.86
CA ASP A 51 26.80 14.68 -20.32
C ASP A 51 26.73 13.32 -19.60
N VAL A 52 27.00 12.26 -20.34
CA VAL A 52 27.17 10.93 -19.80
C VAL A 52 28.64 10.52 -19.94
N VAL A 53 29.16 9.95 -18.86
CA VAL A 53 30.52 9.62 -18.69
C VAL A 53 30.65 8.08 -18.54
N ASN A 54 31.73 7.50 -19.06
CA ASN A 54 32.10 6.09 -18.83
C ASN A 54 32.82 5.98 -17.49
N PRO A 55 32.27 5.23 -16.53
CA PRO A 55 32.88 5.13 -15.23
C PRO A 55 34.20 4.36 -15.17
N ALA A 56 34.55 3.64 -16.22
CA ALA A 56 35.85 3.00 -16.29
C ALA A 56 36.94 4.02 -16.70
N THR A 57 36.58 5.16 -17.32
CA THR A 57 37.57 6.17 -17.73
C THR A 57 37.41 7.64 -17.22
N GLY A 58 36.21 8.02 -16.78
CA GLY A 58 35.90 9.42 -16.49
C GLY A 58 35.62 10.28 -17.72
N LYS A 59 35.56 9.67 -18.89
CA LYS A 59 35.48 10.38 -20.19
C LYS A 59 34.04 10.47 -20.64
N PRO A 60 33.61 11.64 -21.20
CA PRO A 60 32.31 11.74 -21.92
C PRO A 60 32.19 10.68 -22.99
N ILE A 61 31.03 10.05 -23.09
CA ILE A 61 30.71 9.15 -24.22
C ILE A 61 29.47 9.53 -24.97
N GLY A 62 28.66 10.41 -24.38
CA GLY A 62 27.50 10.94 -25.07
C GLY A 62 26.69 11.84 -24.14
N ARG A 63 25.43 12.07 -24.51
CA ARG A 63 24.55 12.94 -23.72
C ARG A 63 23.12 12.53 -23.81
N VAL A 64 22.36 12.99 -22.86
CA VAL A 64 20.95 12.67 -22.78
C VAL A 64 20.14 13.96 -22.61
N ALA A 65 19.01 13.99 -23.27
CA ALA A 65 18.12 15.12 -23.18
C ALA A 65 17.68 15.38 -21.76
N HIS A 66 17.47 16.64 -21.45
CA HIS A 66 17.22 17.15 -20.10
C HIS A 66 15.86 17.80 -20.13
N ALA A 67 14.84 17.06 -19.75
CA ALA A 67 13.50 17.56 -19.77
C ALA A 67 13.29 18.68 -18.81
N GLY A 68 12.50 19.64 -19.25
CA GLY A 68 11.84 20.62 -18.39
C GLY A 68 10.32 20.35 -18.32
N ILE A 69 9.65 21.27 -17.62
CA ILE A 69 8.24 21.12 -17.25
C ILE A 69 7.34 20.97 -18.46
N ALA A 70 7.60 21.77 -19.49
CA ALA A 70 6.83 21.71 -20.71
C ALA A 70 6.86 20.29 -21.35
N ASP A 71 8.02 19.64 -21.28
CA ASP A 71 8.11 18.26 -21.78
C ASP A 71 7.30 17.27 -20.92
N LEU A 72 7.38 17.45 -19.60
CA LEU A 72 6.59 16.65 -18.65
C LEU A 72 5.08 16.81 -18.82
N ASP A 73 4.66 18.05 -19.11
CA ASP A 73 3.23 18.32 -19.41
C ASP A 73 2.77 17.59 -20.66
N ARG A 74 3.60 17.58 -21.69
CA ARG A 74 3.26 16.80 -22.87
C ARG A 74 3.25 15.29 -22.55
N ALA A 75 4.20 14.82 -21.73
CA ALA A 75 4.29 13.39 -21.32
C ALA A 75 3.03 13.00 -20.55
N LEU A 76 2.60 13.87 -19.67
CA LEU A 76 1.40 13.60 -18.86
C LEU A 76 0.16 13.60 -19.69
N ALA A 77 0.00 14.56 -20.62
CA ALA A 77 -1.20 14.55 -21.48
C ALA A 77 -1.24 13.29 -22.31
N ALA A 78 -0.10 12.91 -22.88
CA ALA A 78 -0.01 11.67 -23.66
C ALA A 78 -0.31 10.36 -22.80
N ALA A 79 0.17 10.37 -21.55
CA ALA A 79 -0.02 9.28 -20.63
C ALA A 79 -1.48 9.10 -20.33
N GLN A 80 -2.20 10.20 -20.22
CA GLN A 80 -3.64 10.14 -19.99
C GLN A 80 -4.42 9.51 -21.15
N SER A 81 -4.21 10.00 -22.37
CA SER A 81 -4.92 9.40 -23.51
C SER A 81 -4.38 7.97 -23.80
N GLY A 82 -3.11 7.72 -23.50
CA GLY A 82 -2.55 6.38 -23.59
C GLY A 82 -3.21 5.35 -22.68
N PHE A 83 -3.51 5.78 -21.45
CA PHE A 83 -4.23 4.97 -20.50
C PHE A 83 -5.62 4.64 -20.99
N GLU A 84 -6.29 5.65 -21.51
CA GLU A 84 -7.62 5.49 -22.14
C GLU A 84 -7.58 4.55 -23.35
N ALA A 85 -6.50 4.54 -24.12
CA ALA A 85 -6.44 3.57 -25.25
C ALA A 85 -6.09 2.18 -24.78
N TRP A 86 -5.06 2.06 -23.94
CA TRP A 86 -4.53 0.75 -23.56
C TRP A 86 -5.46 -0.06 -22.70
N ARG A 87 -6.21 0.59 -21.80
CA ARG A 87 -7.20 -0.11 -20.93
C ARG A 87 -8.33 -0.80 -21.74
N LYS A 88 -8.53 -0.38 -23.00
CA LYS A 88 -9.54 -1.01 -23.87
C LYS A 88 -9.00 -2.15 -24.72
N VAL A 89 -7.67 -2.30 -24.81
CA VAL A 89 -7.08 -3.37 -25.60
C VAL A 89 -7.24 -4.66 -24.75
N PRO A 90 -7.92 -5.68 -25.27
CA PRO A 90 -8.11 -6.89 -24.48
C PRO A 90 -6.78 -7.52 -24.02
N ALA A 91 -6.79 -8.22 -22.91
CA ALA A 91 -5.53 -8.74 -22.31
C ALA A 91 -4.71 -9.57 -23.27
N HIS A 92 -5.36 -10.43 -24.03
CA HIS A 92 -4.64 -11.35 -24.92
C HIS A 92 -3.95 -10.56 -26.00
N GLU A 93 -4.49 -9.43 -26.46
CA GLU A 93 -3.75 -8.59 -27.43
C GLU A 93 -2.55 -7.85 -26.80
N ARG A 94 -2.78 -7.29 -25.62
CA ARG A 94 -1.70 -6.69 -24.82
C ARG A 94 -0.56 -7.68 -24.59
N ALA A 95 -0.90 -8.93 -24.24
CA ALA A 95 0.11 -10.01 -24.10
C ALA A 95 0.86 -10.26 -25.35
N ALA A 96 0.16 -10.40 -26.47
CA ALA A 96 0.89 -10.70 -27.69
C ALA A 96 1.85 -9.56 -28.04
N THR A 97 1.42 -8.31 -27.81
CA THR A 97 2.26 -7.16 -28.10
C THR A 97 3.49 -7.17 -27.16
N MET A 98 3.27 -7.47 -25.89
CA MET A 98 4.38 -7.53 -24.98
C MET A 98 5.35 -8.63 -25.36
N ARG A 99 4.84 -9.76 -25.83
CA ARG A 99 5.74 -10.85 -26.22
C ARG A 99 6.60 -10.48 -27.43
N LYS A 100 6.02 -9.70 -28.32
CA LYS A 100 6.77 -9.16 -29.44
C LYS A 100 7.91 -8.25 -28.97
N ALA A 101 7.61 -7.41 -28.00
CA ALA A 101 8.64 -6.56 -27.42
C ALA A 101 9.75 -7.45 -26.82
N ALA A 102 9.36 -8.46 -26.07
CA ALA A 102 10.31 -9.39 -25.47
C ALA A 102 11.19 -9.99 -26.51
N ALA A 103 10.64 -10.44 -27.63
CA ALA A 103 11.47 -11.08 -28.65
C ALA A 103 12.52 -10.07 -29.19
N LEU A 104 12.14 -8.80 -29.33
CA LEU A 104 13.07 -7.80 -29.84
C LEU A 104 14.17 -7.52 -28.82
N VAL A 105 13.81 -7.56 -27.53
CA VAL A 105 14.79 -7.32 -26.48
C VAL A 105 15.80 -8.48 -26.49
N ARG A 106 15.31 -9.70 -26.62
CA ARG A 106 16.17 -10.88 -26.73
C ARG A 106 17.19 -10.76 -27.92
N GLU A 107 16.69 -10.46 -29.10
CA GLU A 107 17.51 -10.28 -30.30
C GLU A 107 18.57 -9.16 -30.15
N ARG A 108 18.24 -8.08 -29.47
CA ARG A 108 19.13 -6.97 -29.36
C ARG A 108 19.94 -6.98 -28.09
N ALA A 109 19.94 -8.07 -27.34
CA ALA A 109 20.51 -8.08 -26.02
C ALA A 109 21.98 -7.72 -25.95
N ASP A 110 22.76 -8.25 -26.89
CA ASP A 110 24.19 -7.86 -26.96
C ASP A 110 24.40 -6.37 -27.31
N ALA A 111 23.68 -5.76 -28.26
CA ALA A 111 23.89 -4.30 -28.52
C ALA A 111 23.41 -3.46 -27.31
N ILE A 112 22.35 -3.89 -26.64
CA ILE A 112 21.87 -3.19 -25.46
C ILE A 112 22.89 -3.34 -24.32
N ALA A 113 23.45 -4.54 -24.18
CA ALA A 113 24.44 -4.80 -23.17
C ALA A 113 25.71 -3.93 -23.35
N GLN A 114 26.15 -3.73 -24.58
CA GLN A 114 27.30 -2.84 -24.87
C GLN A 114 27.04 -1.41 -24.44
N LEU A 115 25.83 -0.91 -24.64
CA LEU A 115 25.45 0.41 -24.14
C LEU A 115 25.55 0.40 -22.59
N MET A 116 24.88 -0.54 -21.97
CA MET A 116 24.89 -0.61 -20.53
C MET A 116 26.29 -0.64 -19.90
N THR A 117 27.17 -1.50 -20.41
CA THR A 117 28.49 -1.63 -19.83
C THR A 117 29.27 -0.27 -19.84
N GLN A 118 29.20 0.43 -20.98
CA GLN A 118 29.84 1.74 -21.15
C GLN A 118 29.38 2.83 -20.19
N GLU A 119 28.09 2.84 -19.88
CA GLU A 119 27.49 3.90 -19.09
C GLU A 119 27.43 3.56 -17.64
N GLN A 120 27.43 2.26 -17.30
CA GLN A 120 27.21 1.85 -15.90
C GLN A 120 28.40 1.16 -15.27
N GLY A 121 29.15 0.36 -16.03
CA GLY A 121 30.45 -0.17 -15.59
C GLY A 121 30.53 -1.68 -15.47
N LYS A 122 29.40 -2.37 -15.38
CA LYS A 122 29.40 -3.81 -15.06
C LYS A 122 29.98 -4.55 -16.19
N PRO A 123 30.49 -5.75 -15.93
CA PRO A 123 31.05 -6.47 -17.06
C PRO A 123 29.99 -6.81 -18.13
N LEU A 124 30.43 -6.87 -19.37
CA LEU A 124 29.55 -7.17 -20.49
C LEU A 124 28.75 -8.47 -20.30
N THR A 125 29.39 -9.48 -19.74
CA THR A 125 28.74 -10.73 -19.48
C THR A 125 27.58 -10.55 -18.52
N GLU A 126 27.76 -9.77 -17.48
CA GLU A 126 26.65 -9.44 -16.60
C GLU A 126 25.57 -8.62 -17.31
N ALA A 127 25.98 -7.68 -18.12
CA ALA A 127 25.03 -6.86 -18.84
C ALA A 127 24.15 -7.70 -19.82
N ARG A 128 24.75 -8.69 -20.48
CA ARG A 128 23.99 -9.57 -21.34
C ARG A 128 22.97 -10.38 -20.56
N VAL A 129 23.42 -10.96 -19.43
CA VAL A 129 22.54 -11.76 -18.56
C VAL A 129 21.43 -10.86 -18.08
N GLU A 130 21.68 -9.57 -17.78
CA GLU A 130 20.58 -8.69 -17.28
C GLU A 130 19.48 -8.51 -18.37
N VAL A 131 19.93 -8.23 -19.59
CA VAL A 131 19.04 -7.94 -20.70
C VAL A 131 18.30 -9.17 -21.15
N LEU A 132 18.97 -10.33 -21.17
CA LEU A 132 18.27 -11.59 -21.56
C LEU A 132 17.20 -11.93 -20.56
N SER A 133 17.46 -11.68 -19.29
CA SER A 133 16.48 -11.94 -18.27
C SER A 133 15.36 -10.88 -18.26
N ALA A 134 15.63 -9.67 -18.73
CA ALA A 134 14.55 -8.73 -18.99
C ALA A 134 13.46 -9.31 -19.93
N ALA A 135 13.90 -9.90 -21.06
CA ALA A 135 12.97 -10.61 -21.99
C ALA A 135 12.15 -11.69 -21.32
N ASP A 136 12.81 -12.49 -20.48
CA ASP A 136 12.09 -13.52 -19.69
C ASP A 136 11.01 -12.93 -18.76
N ILE A 137 11.32 -11.82 -18.12
CA ILE A 137 10.41 -11.13 -17.27
C ILE A 137 9.22 -10.59 -18.04
N ILE A 138 9.43 -10.00 -19.22
CA ILE A 138 8.33 -9.43 -19.99
C ILE A 138 7.34 -10.54 -20.35
N GLU A 139 7.89 -11.68 -20.73
CA GLU A 139 7.06 -12.82 -21.16
C GLU A 139 6.19 -13.36 -20.07
N TRP A 140 6.76 -13.50 -18.87
CA TRP A 140 6.01 -14.02 -17.76
C TRP A 140 4.83 -13.00 -17.47
N PHE A 141 5.15 -11.71 -17.41
CA PHE A 141 4.13 -10.71 -17.10
C PHE A 141 3.09 -10.57 -18.16
N ALA A 142 3.45 -10.77 -19.41
CA ALA A 142 2.47 -10.69 -20.47
C ALA A 142 1.41 -11.74 -20.21
N ASP A 143 1.83 -12.94 -19.88
CA ASP A 143 0.89 -14.01 -19.59
C ASP A 143 0.13 -13.78 -18.33
N GLU A 144 0.80 -13.20 -17.33
CA GLU A 144 0.11 -12.90 -16.05
C GLU A 144 -1.06 -11.94 -16.20
N GLY A 145 -0.98 -11.00 -17.13
CA GLY A 145 -2.09 -10.05 -17.39
C GLY A 145 -3.38 -10.71 -17.88
N ARG A 146 -3.27 -11.90 -18.48
CA ARG A 146 -4.44 -12.69 -18.90
C ARG A 146 -5.10 -13.39 -17.75
N ARG A 147 -4.48 -13.31 -16.56
CA ARG A 147 -4.93 -13.98 -15.34
C ARG A 147 -5.22 -13.01 -14.18
N VAL A 148 -5.50 -11.74 -14.47
CA VAL A 148 -5.98 -10.82 -13.49
C VAL A 148 -7.48 -11.17 -13.31
N TYR A 149 -7.78 -12.05 -12.36
CA TYR A 149 -9.12 -12.62 -12.26
C TYR A 149 -9.94 -11.86 -11.22
N GLY A 150 -11.19 -11.67 -11.54
CA GLY A 150 -12.17 -11.27 -10.55
C GLY A 150 -12.72 -12.48 -9.80
N ARG A 151 -13.62 -12.21 -8.86
CA ARG A 151 -14.19 -13.22 -7.98
C ARG A 151 -15.71 -13.09 -8.00
N ILE A 152 -16.43 -14.21 -7.96
CA ILE A 152 -17.88 -14.24 -7.68
C ILE A 152 -18.11 -14.81 -6.25
N VAL A 153 -18.74 -14.01 -5.40
CA VAL A 153 -18.93 -14.38 -4.01
C VAL A 153 -20.33 -14.93 -3.74
N PRO A 154 -20.41 -16.08 -3.02
CA PRO A 154 -21.74 -16.61 -2.69
C PRO A 154 -22.59 -15.56 -1.94
N PRO A 155 -23.73 -15.20 -2.51
CA PRO A 155 -24.42 -13.99 -2.06
C PRO A 155 -25.30 -14.27 -0.83
N ARG A 156 -25.58 -13.23 -0.04
CA ARG A 156 -26.52 -13.34 1.07
C ARG A 156 -27.96 -13.34 0.65
N ASN A 157 -28.22 -12.84 -0.53
CA ASN A 157 -29.54 -12.88 -1.14
C ASN A 157 -29.40 -13.43 -2.54
N LEU A 158 -30.10 -14.51 -2.87
CA LEU A 158 -29.79 -15.22 -4.10
C LEU A 158 -30.27 -14.47 -5.31
N GLY A 159 -31.12 -13.47 -5.10
CA GLY A 159 -31.52 -12.56 -6.12
C GLY A 159 -30.50 -11.50 -6.55
N ALA A 160 -29.34 -11.43 -5.91
CA ALA A 160 -28.26 -10.53 -6.29
C ALA A 160 -26.99 -11.30 -6.74
N GLN A 161 -26.27 -10.73 -7.67
CA GLN A 161 -24.95 -11.17 -8.04
C GLN A 161 -23.93 -10.23 -7.35
N GLN A 162 -23.04 -10.81 -6.54
CA GLN A 162 -21.94 -10.11 -5.89
C GLN A 162 -20.61 -10.53 -6.56
N THR A 163 -19.93 -9.57 -7.17
CA THR A 163 -18.67 -9.80 -7.87
C THR A 163 -17.58 -8.85 -7.33
N VAL A 164 -16.33 -9.25 -7.52
CA VAL A 164 -15.20 -8.44 -7.21
C VAL A 164 -14.44 -8.30 -8.51
N VAL A 165 -14.34 -7.04 -8.98
CA VAL A 165 -13.79 -6.77 -10.29
C VAL A 165 -12.46 -6.07 -10.08
N LYS A 166 -11.51 -6.32 -10.96
CA LYS A 166 -10.13 -5.75 -10.90
C LYS A 166 -9.93 -4.86 -12.12
N GLU A 167 -9.38 -3.67 -11.98
CA GLU A 167 -9.18 -2.82 -13.12
C GLU A 167 -7.93 -1.96 -12.94
N PRO A 168 -7.36 -1.49 -14.06
CA PRO A 168 -6.10 -0.77 -13.88
C PRO A 168 -6.31 0.52 -13.14
N VAL A 169 -5.32 0.87 -12.32
CA VAL A 169 -5.41 2.02 -11.45
C VAL A 169 -5.26 3.34 -12.25
N GLY A 170 -4.42 3.38 -13.25
CA GLY A 170 -4.26 4.58 -14.03
C GLY A 170 -2.82 4.86 -14.39
N PRO A 171 -2.55 6.10 -14.84
CA PRO A 171 -1.22 6.40 -15.25
C PRO A 171 -0.25 6.31 -14.09
N VAL A 172 0.93 5.76 -14.38
CA VAL A 172 1.91 5.43 -13.39
C VAL A 172 3.13 6.32 -13.64
N ALA A 173 3.70 6.88 -12.57
CA ALA A 173 5.00 7.58 -12.58
C ALA A 173 6.02 6.67 -11.93
N ALA A 174 7.10 6.33 -12.67
CA ALA A 174 8.06 5.37 -12.17
C ALA A 174 9.39 6.09 -12.14
N PHE A 175 10.17 5.84 -11.10
CA PHE A 175 11.47 6.46 -10.90
C PHE A 175 12.47 5.35 -10.66
N THR A 176 13.48 5.20 -11.52
CA THR A 176 14.39 4.03 -11.48
C THR A 176 15.87 4.43 -11.41
N PRO A 177 16.72 3.60 -10.73
CA PRO A 177 18.10 3.94 -10.54
C PRO A 177 19.03 3.18 -11.51
N TRP A 178 20.33 3.45 -11.31
CA TRP A 178 21.42 3.15 -12.22
C TRP A 178 22.05 1.75 -12.10
N ASN A 179 21.70 1.02 -11.06
CA ASN A 179 22.42 -0.21 -10.82
C ASN A 179 22.12 -1.35 -11.82
N PHE A 180 20.85 -1.50 -12.19
CA PHE A 180 20.41 -2.41 -13.24
C PHE A 180 19.54 -1.54 -14.12
N PRO A 181 20.16 -0.80 -15.03
CA PRO A 181 19.41 0.23 -15.71
C PRO A 181 18.12 -0.33 -16.43
N VAL A 182 18.25 -1.53 -17.03
CA VAL A 182 17.17 -2.18 -17.72
C VAL A 182 16.25 -2.90 -16.76
N ASN A 183 16.84 -3.78 -15.97
CA ASN A 183 16.02 -4.58 -15.10
C ASN A 183 15.16 -3.79 -14.07
N GLN A 184 15.62 -2.65 -13.61
CA GLN A 184 14.82 -1.84 -12.67
C GLN A 184 13.61 -1.21 -13.34
N VAL A 185 13.64 -1.02 -14.66
CA VAL A 185 12.52 -0.50 -15.39
C VAL A 185 11.56 -1.66 -15.74
N VAL A 186 12.11 -2.82 -16.10
CA VAL A 186 11.33 -3.82 -16.81
C VAL A 186 10.20 -4.43 -15.97
N ARG A 187 10.34 -4.59 -14.67
CA ARG A 187 9.28 -5.21 -13.89
C ARG A 187 8.17 -4.20 -13.67
N LYS A 188 8.54 -2.96 -13.41
CA LYS A 188 7.58 -1.91 -13.28
C LYS A 188 6.74 -1.69 -14.58
N LEU A 189 7.45 -1.53 -15.68
CA LEU A 189 6.88 -1.43 -16.99
C LEU A 189 5.93 -2.57 -17.36
N SER A 190 6.36 -3.79 -17.09
CA SER A 190 5.62 -4.95 -17.51
C SER A 190 4.38 -5.12 -16.69
N ALA A 191 4.53 -4.87 -15.40
CA ALA A 191 3.37 -4.85 -14.50
C ALA A 191 2.34 -3.82 -14.90
N ALA A 192 2.81 -2.62 -15.20
CA ALA A 192 1.89 -1.55 -15.68
C ALA A 192 1.18 -1.95 -16.96
N LEU A 193 1.93 -2.44 -17.93
CA LEU A 193 1.34 -2.74 -19.20
C LEU A 193 0.43 -3.96 -19.15
N ALA A 194 0.76 -4.92 -18.28
CA ALA A 194 -0.05 -6.16 -18.21
C ALA A 194 -1.40 -5.91 -17.60
N THR A 195 -1.52 -4.85 -16.80
CA THR A 195 -2.78 -4.54 -16.15
C THR A 195 -3.65 -3.55 -16.95
N GLY A 196 -3.08 -2.90 -17.94
CA GLY A 196 -3.82 -1.91 -18.72
C GLY A 196 -3.48 -0.48 -18.35
N CYS A 197 -2.46 -0.25 -17.52
CA CYS A 197 -2.05 1.10 -17.14
C CYS A 197 -1.18 1.67 -18.25
N SER A 198 -1.04 2.98 -18.26
CA SER A 198 0.05 3.66 -19.00
C SER A 198 1.15 4.00 -18.05
N PHE A 199 2.33 4.29 -18.60
CA PHE A 199 3.58 4.24 -17.85
C PHE A 199 4.47 5.36 -18.30
N LEU A 200 4.94 6.15 -17.34
CA LEU A 200 5.84 7.24 -17.61
C LEU A 200 6.97 7.13 -16.58
N VAL A 201 8.18 6.85 -17.05
CA VAL A 201 9.30 6.57 -16.18
C VAL A 201 10.36 7.65 -16.34
N LYS A 202 10.95 8.04 -15.21
CA LYS A 202 12.16 8.80 -15.24
C LYS A 202 13.32 7.80 -14.95
N ALA A 203 14.09 7.50 -15.99
CA ALA A 203 15.24 6.59 -15.85
C ALA A 203 16.49 7.39 -15.49
N PRO A 204 17.56 6.69 -15.06
CA PRO A 204 18.74 7.40 -14.58
C PRO A 204 19.50 8.13 -15.70
N GLU A 205 19.82 9.36 -15.38
CA GLU A 205 20.64 10.23 -16.18
C GLU A 205 22.04 9.76 -16.38
N GLU A 206 22.59 9.04 -15.42
CA GLU A 206 23.97 8.50 -15.58
C GLU A 206 24.00 7.17 -16.38
N THR A 207 22.86 6.51 -16.57
CA THR A 207 22.82 5.27 -17.35
C THR A 207 21.62 5.32 -18.27
N PRO A 208 21.60 6.28 -19.20
CA PRO A 208 20.28 6.43 -19.87
C PRO A 208 20.04 5.61 -21.16
N ALA A 209 21.08 5.16 -21.86
CA ALA A 209 20.90 4.57 -23.20
C ALA A 209 20.24 3.18 -23.17
N SER A 210 20.64 2.36 -22.21
CA SER A 210 20.09 1.00 -22.12
C SER A 210 18.60 0.96 -21.72
N PRO A 211 18.18 1.79 -20.77
CA PRO A 211 16.73 1.82 -20.56
C PRO A 211 15.95 2.34 -21.73
N ALA A 212 16.54 3.23 -22.55
CA ALA A 212 15.87 3.79 -23.69
C ALA A 212 15.75 2.76 -24.79
N ALA A 213 16.79 1.90 -24.95
CA ALA A 213 16.67 0.76 -25.89
C ALA A 213 15.61 -0.24 -25.45
N LEU A 214 15.36 -0.34 -24.15
CA LEU A 214 14.27 -1.23 -23.67
C LEU A 214 12.95 -0.66 -24.13
N LEU A 215 12.74 0.63 -23.94
CA LEU A 215 11.44 1.26 -24.34
C LEU A 215 11.26 1.25 -25.84
N ARG A 216 12.36 1.39 -26.57
CA ARG A 216 12.35 1.28 -28.02
C ARG A 216 11.81 -0.05 -28.50
N ALA A 217 12.21 -1.17 -27.90
CA ALA A 217 11.64 -2.49 -28.25
C ALA A 217 10.15 -2.50 -28.18
N PHE A 218 9.61 -1.89 -27.15
CA PHE A 218 8.18 -1.78 -26.98
C PHE A 218 7.52 -0.89 -28.02
N VAL A 219 8.15 0.24 -28.35
CA VAL A 219 7.60 1.09 -29.42
C VAL A 219 7.61 0.29 -30.72
N ASP A 220 8.68 -0.48 -30.97
CA ASP A 220 8.80 -1.21 -32.22
C ASP A 220 7.79 -2.35 -32.33
N ALA A 221 7.49 -2.97 -31.21
CA ALA A 221 6.50 -4.01 -31.11
C ALA A 221 5.05 -3.54 -31.28
N GLY A 222 4.79 -2.24 -31.24
CA GLY A 222 3.42 -1.71 -31.47
C GLY A 222 2.66 -1.23 -30.23
N VAL A 223 3.35 -0.99 -29.10
CA VAL A 223 2.70 -0.34 -27.96
C VAL A 223 2.29 1.09 -28.38
N PRO A 224 0.99 1.41 -28.30
CA PRO A 224 0.62 2.68 -28.94
C PRO A 224 1.18 3.96 -28.26
N ALA A 225 1.08 5.06 -29.02
CA ALA A 225 1.57 6.38 -28.64
C ALA A 225 0.95 6.85 -27.33
N GLY A 226 1.80 7.27 -26.38
CA GLY A 226 1.37 7.70 -25.06
C GLY A 226 1.31 6.62 -24.00
N VAL A 227 1.30 5.34 -24.39
CA VAL A 227 1.17 4.29 -23.40
C VAL A 227 2.45 4.20 -22.57
N ILE A 228 3.59 4.52 -23.19
CA ILE A 228 4.86 4.58 -22.49
C ILE A 228 5.45 5.94 -22.76
N GLY A 229 6.16 6.46 -21.79
CA GLY A 229 6.93 7.68 -21.97
C GLY A 229 8.20 7.58 -21.18
N LEU A 230 9.24 8.26 -21.61
CA LEU A 230 10.53 8.19 -20.91
C LEU A 230 11.06 9.57 -20.86
N VAL A 231 11.50 9.99 -19.70
CA VAL A 231 12.11 11.29 -19.48
C VAL A 231 13.34 11.19 -18.57
N TYR A 232 14.16 12.21 -18.66
CA TYR A 232 15.45 12.33 -17.96
C TYR A 232 15.55 13.78 -17.59
N GLY A 233 16.24 14.08 -16.49
CA GLY A 233 16.63 15.45 -16.19
C GLY A 233 17.09 15.60 -14.77
N ASP A 234 16.38 16.45 -14.02
CA ASP A 234 16.72 16.77 -12.67
C ASP A 234 15.76 15.92 -11.84
N PRO A 235 16.28 14.88 -11.11
CA PRO A 235 15.37 13.93 -10.47
C PRO A 235 14.33 14.58 -9.56
N ALA A 236 14.75 15.55 -8.76
CA ALA A 236 13.90 16.20 -7.73
C ALA A 236 12.80 17.02 -8.35
N GLU A 237 13.19 17.83 -9.32
CA GLU A 237 12.24 18.63 -10.09
C GLU A 237 11.19 17.74 -10.79
N ILE A 238 11.61 16.65 -11.40
CA ILE A 238 10.66 15.77 -12.09
C ILE A 238 9.73 15.04 -11.11
N SER A 239 10.30 14.43 -10.07
CA SER A 239 9.49 13.74 -9.07
C SER A 239 8.54 14.67 -8.31
N SER A 240 8.99 15.88 -7.96
CA SER A 240 8.13 16.90 -7.32
C SER A 240 7.01 17.36 -8.22
N TYR A 241 7.24 17.36 -9.52
CA TYR A 241 6.17 17.74 -10.41
C TYR A 241 5.18 16.60 -10.79
N LEU A 242 5.70 15.41 -11.06
CA LEU A 242 4.90 14.28 -11.45
C LEU A 242 4.05 13.76 -10.31
N ILE A 243 4.63 13.59 -9.12
CA ILE A 243 3.89 12.90 -8.04
C ILE A 243 2.59 13.64 -7.64
N PRO A 244 2.63 14.97 -7.57
CA PRO A 244 1.36 15.61 -7.21
C PRO A 244 0.38 15.76 -8.34
N HIS A 245 0.75 15.41 -9.58
CA HIS A 245 -0.05 15.83 -10.71
C HIS A 245 -1.34 15.00 -10.80
N PRO A 246 -2.49 15.63 -11.08
CA PRO A 246 -3.77 14.90 -11.19
C PRO A 246 -3.82 13.70 -12.11
N VAL A 247 -3.06 13.70 -13.18
CA VAL A 247 -3.03 12.55 -14.12
C VAL A 247 -2.45 11.26 -13.49
N ILE A 248 -1.46 11.40 -12.64
CA ILE A 248 -0.76 10.28 -12.09
C ILE A 248 -1.60 9.66 -10.96
N ARG A 249 -1.98 8.39 -11.15
CA ARG A 249 -2.76 7.71 -10.13
C ARG A 249 -1.90 6.78 -9.29
N LYS A 250 -0.63 6.57 -9.65
CA LYS A 250 0.20 5.61 -8.95
C LYS A 250 1.68 5.94 -9.12
N VAL A 251 2.46 5.76 -8.07
CA VAL A 251 3.89 6.08 -8.05
C VAL A 251 4.68 4.81 -7.64
N THR A 252 5.85 4.64 -8.22
CA THR A 252 6.69 3.49 -7.89
C THR A 252 8.12 3.95 -7.97
N PHE A 253 8.88 3.72 -6.90
CA PHE A 253 10.27 4.17 -6.78
C PHE A 253 11.15 2.99 -6.34
N THR A 254 12.32 2.93 -6.89
CA THR A 254 13.36 2.06 -6.42
C THR A 254 14.63 2.88 -6.28
N GLY A 255 15.32 2.77 -5.14
CA GLY A 255 16.45 3.64 -4.82
C GLY A 255 16.73 3.61 -3.33
N SER A 256 17.28 4.71 -2.81
CA SER A 256 17.68 4.75 -1.44
C SER A 256 16.50 4.88 -0.46
N THR A 257 16.74 4.42 0.76
CA THR A 257 15.84 4.58 1.86
C THR A 257 15.49 6.08 2.12
N PRO A 258 16.49 6.93 2.28
CA PRO A 258 16.16 8.33 2.57
C PRO A 258 15.39 9.09 1.43
N VAL A 259 15.74 8.85 0.19
CA VAL A 259 14.98 9.41 -0.91
C VAL A 259 13.56 8.81 -0.99
N GLY A 260 13.42 7.51 -0.78
CA GLY A 260 12.10 6.91 -0.81
C GLY A 260 11.19 7.45 0.30
N LYS A 261 11.76 7.70 1.48
CA LYS A 261 10.99 8.35 2.53
C LYS A 261 10.43 9.70 2.10
N GLN A 262 11.29 10.52 1.49
CA GLN A 262 10.87 11.79 0.93
C GLN A 262 9.75 11.60 -0.15
N LEU A 263 9.91 10.64 -1.06
CA LEU A 263 8.89 10.48 -2.08
C LEU A 263 7.62 9.84 -1.55
N ALA A 264 7.71 8.89 -0.62
CA ALA A 264 6.48 8.23 -0.11
C ALA A 264 5.68 9.25 0.72
N SER A 265 6.40 10.17 1.34
CA SER A 265 5.77 11.28 2.03
C SER A 265 5.02 12.22 1.08
N LEU A 266 5.64 12.56 -0.03
CA LEU A 266 4.98 13.41 -1.00
C LEU A 266 3.79 12.69 -1.59
N ALA A 267 3.96 11.43 -1.92
CA ALA A 267 2.87 10.64 -2.43
C ALA A 267 1.70 10.53 -1.41
N GLY A 268 2.02 10.42 -0.12
CA GLY A 268 0.98 10.38 0.89
C GLY A 268 0.17 11.68 0.96
N LEU A 269 0.89 12.80 0.90
CA LEU A 269 0.31 14.15 0.92
C LEU A 269 -0.65 14.38 -0.25
N HIS A 270 -0.53 13.67 -1.37
CA HIS A 270 -1.46 13.82 -2.48
C HIS A 270 -2.32 12.57 -2.74
N MET A 271 -2.40 11.76 -1.69
CA MET A 271 -3.14 10.53 -1.69
C MET A 271 -2.96 9.67 -2.97
N LYS A 272 -1.69 9.43 -3.32
CA LYS A 272 -1.34 8.60 -4.50
C LYS A 272 -0.90 7.20 -4.01
N ARG A 273 -1.34 6.17 -4.70
CA ARG A 273 -0.83 4.79 -4.44
C ARG A 273 0.66 4.76 -4.68
N ALA A 274 1.39 4.08 -3.82
CA ALA A 274 2.85 4.08 -3.90
C ALA A 274 3.43 2.68 -3.54
N THR A 275 4.44 2.26 -4.29
CA THR A 275 5.30 1.14 -3.96
C THR A 275 6.72 1.67 -3.99
N MET A 276 7.57 1.00 -3.21
CA MET A 276 8.89 1.46 -2.80
C MET A 276 9.78 0.21 -2.67
N GLU A 277 10.86 0.16 -3.42
CA GLU A 277 11.90 -0.84 -3.20
C GLU A 277 13.19 -0.11 -2.84
N LEU A 278 13.65 -0.32 -1.60
CA LEU A 278 14.64 0.56 -0.98
C LEU A 278 15.93 -0.17 -0.61
N GLY A 279 16.70 0.34 0.34
CA GLY A 279 17.93 -0.37 0.75
C GLY A 279 17.73 -1.79 1.31
N GLY A 280 18.76 -2.61 1.18
CA GLY A 280 18.83 -3.87 1.93
C GLY A 280 20.11 -3.92 2.73
N HIS A 281 20.24 -4.95 3.55
CA HIS A 281 21.48 -5.14 4.27
C HIS A 281 21.56 -6.63 4.61
N ALA A 282 21.84 -7.41 3.57
CA ALA A 282 21.49 -8.81 3.59
C ALA A 282 22.40 -9.61 4.47
N PRO A 283 21.80 -10.29 5.46
CA PRO A 283 22.58 -11.23 6.26
C PRO A 283 22.82 -12.51 5.50
N VAL A 284 23.96 -13.12 5.77
CA VAL A 284 24.25 -14.50 5.37
C VAL A 284 24.51 -15.33 6.65
N ILE A 285 23.61 -16.24 7.01
CA ILE A 285 23.86 -17.16 8.08
C ILE A 285 24.47 -18.49 7.63
N VAL A 286 25.75 -18.72 7.92
CA VAL A 286 26.45 -19.99 7.60
C VAL A 286 26.47 -20.85 8.85
N ALA A 287 25.57 -21.83 8.88
CA ALA A 287 25.34 -22.64 10.10
C ALA A 287 26.39 -23.66 10.29
N GLU A 288 26.39 -24.27 11.48
CA GLU A 288 27.38 -25.26 11.85
C GLU A 288 27.48 -26.40 10.84
N ASP A 289 26.33 -26.85 10.33
CA ASP A 289 26.27 -28.02 9.41
C ASP A 289 26.40 -27.62 7.94
N ALA A 290 26.88 -26.41 7.65
CA ALA A 290 26.98 -25.90 6.27
C ALA A 290 28.10 -26.51 5.46
N ASP A 291 27.87 -26.60 4.17
CA ASP A 291 28.90 -26.93 3.22
C ASP A 291 29.67 -25.62 2.91
N VAL A 292 30.91 -25.51 3.37
CA VAL A 292 31.63 -24.23 3.30
C VAL A 292 31.98 -23.81 1.89
N ALA A 293 32.55 -24.73 1.10
CA ALA A 293 32.80 -24.52 -0.30
C ALA A 293 31.55 -24.00 -1.05
N LEU A 294 30.38 -24.56 -0.78
CA LEU A 294 29.17 -24.09 -1.40
C LEU A 294 28.86 -22.67 -0.91
N ALA A 295 29.00 -22.43 0.40
CA ALA A 295 28.61 -21.14 0.95
C ALA A 295 29.46 -20.03 0.30
N VAL A 296 30.77 -20.25 0.14
CA VAL A 296 31.69 -19.27 -0.43
C VAL A 296 31.42 -19.09 -1.89
N LYS A 297 31.23 -20.18 -2.63
CA LYS A 297 30.95 -20.08 -4.06
C LYS A 297 29.58 -19.38 -4.32
N ALA A 298 28.55 -19.67 -3.53
CA ALA A 298 27.22 -19.08 -3.76
C ALA A 298 27.16 -17.63 -3.26
N ALA A 299 27.45 -17.45 -1.99
CA ALA A 299 27.36 -16.12 -1.39
C ALA A 299 28.50 -15.14 -1.79
N GLY A 300 29.71 -15.68 -2.04
CA GLY A 300 30.86 -14.91 -2.55
C GLY A 300 30.66 -14.46 -3.97
N GLY A 301 30.18 -15.37 -4.82
CA GLY A 301 29.73 -15.02 -6.18
C GLY A 301 28.71 -13.88 -6.12
N ALA A 302 27.70 -14.01 -5.25
CA ALA A 302 26.60 -13.05 -5.19
C ALA A 302 27.05 -11.67 -4.68
N LYS A 303 27.99 -11.67 -3.73
CA LYS A 303 28.53 -10.44 -3.14
C LYS A 303 29.13 -9.58 -4.22
N PHE A 304 29.96 -10.15 -5.08
CA PHE A 304 30.65 -9.34 -6.08
C PHE A 304 29.95 -9.23 -7.43
N ARG A 305 28.73 -9.81 -7.60
CA ARG A 305 27.84 -9.48 -8.73
C ARG A 305 27.58 -7.95 -8.79
N ASN A 306 27.83 -7.36 -9.95
CA ASN A 306 27.65 -5.90 -10.21
C ASN A 306 28.36 -5.08 -9.12
N ALA A 307 29.49 -5.66 -8.70
CA ALA A 307 30.35 -5.07 -7.68
C ALA A 307 29.65 -4.75 -6.37
N GLY A 308 28.71 -5.60 -5.92
CA GLY A 308 27.96 -5.32 -4.70
C GLY A 308 26.94 -4.22 -4.82
N GLN A 309 26.77 -3.63 -6.02
CA GLN A 309 25.84 -2.53 -6.21
C GLN A 309 24.42 -3.05 -6.47
N VAL A 310 23.89 -3.76 -5.49
CA VAL A 310 22.63 -4.51 -5.59
C VAL A 310 21.88 -4.44 -4.26
N CYS A 311 20.60 -4.13 -4.32
CA CYS A 311 19.80 -4.09 -3.10
C CYS A 311 19.74 -5.42 -2.34
N ILE A 312 20.01 -6.56 -3.00
CA ILE A 312 20.04 -7.88 -2.34
C ILE A 312 21.44 -8.51 -2.14
N SER A 313 22.48 -7.70 -2.33
CA SER A 313 23.89 -8.14 -2.16
C SER A 313 24.17 -8.61 -0.73
N PRO A 314 24.66 -9.85 -0.55
CA PRO A 314 25.00 -10.32 0.79
C PRO A 314 26.07 -9.44 1.39
N THR A 315 25.89 -9.04 2.65
CA THR A 315 26.73 -8.01 3.25
C THR A 315 27.29 -8.44 4.61
N ARG A 316 26.39 -8.83 5.53
CA ARG A 316 26.75 -9.27 6.86
C ARG A 316 26.86 -10.80 6.89
N PHE A 317 28.06 -11.32 6.79
CA PHE A 317 28.31 -12.76 6.82
C PHE A 317 28.43 -13.17 8.27
N LEU A 318 27.46 -13.94 8.75
CA LEU A 318 27.47 -14.45 10.10
C LEU A 318 27.76 -15.95 10.04
N VAL A 319 28.98 -16.34 10.46
CA VAL A 319 29.51 -17.66 10.23
C VAL A 319 29.76 -18.34 11.58
N HIS A 320 29.28 -19.56 11.73
CA HIS A 320 29.44 -20.32 12.97
C HIS A 320 30.91 -20.40 13.31
N ASN A 321 31.26 -20.13 14.58
CA ASN A 321 32.69 -20.09 14.98
C ASN A 321 33.51 -21.29 14.55
N SER A 322 32.93 -22.48 14.47
CA SER A 322 33.70 -23.65 14.07
C SER A 322 34.29 -23.52 12.67
N ILE A 323 33.73 -22.67 11.81
CA ILE A 323 34.19 -22.55 10.43
C ILE A 323 34.41 -21.14 9.93
N ARG A 324 34.42 -20.17 10.86
CA ARG A 324 34.59 -18.74 10.58
C ARG A 324 35.89 -18.45 9.84
N ASP A 325 36.98 -18.99 10.37
CA ASP A 325 38.32 -18.74 9.83
C ASP A 325 38.45 -19.42 8.44
N GLU A 326 38.07 -20.68 8.33
CA GLU A 326 38.08 -21.39 7.02
C GLU A 326 37.23 -20.64 5.94
N PHE A 327 36.09 -20.10 6.33
CA PHE A 327 35.18 -19.36 5.40
C PHE A 327 35.84 -18.08 4.98
N THR A 328 36.38 -17.38 5.95
CA THR A 328 37.04 -16.10 5.71
C THR A 328 38.20 -16.22 4.74
N ARG A 329 39.00 -17.27 4.86
CA ARG A 329 40.18 -17.44 3.98
C ARG A 329 39.71 -17.75 2.56
N ALA A 330 38.63 -18.54 2.44
CA ALA A 330 38.12 -19.00 1.15
C ALA A 330 37.45 -17.84 0.43
N LEU A 331 36.71 -17.03 1.15
CA LEU A 331 36.16 -15.79 0.57
C LEU A 331 37.24 -14.78 0.15
N VAL A 332 38.30 -14.68 0.95
CA VAL A 332 39.47 -13.89 0.56
C VAL A 332 40.01 -14.38 -0.79
N LYS A 333 40.18 -15.70 -0.95
CA LYS A 333 40.65 -16.31 -2.19
C LYS A 333 39.67 -16.04 -3.35
N HIS A 334 38.39 -16.18 -3.09
CA HIS A 334 37.40 -15.83 -4.10
C HIS A 334 37.57 -14.40 -4.58
N ALA A 335 37.63 -13.45 -3.68
CA ALA A 335 37.83 -12.04 -4.02
C ALA A 335 39.12 -11.73 -4.76
N GLU A 336 40.21 -12.41 -4.38
CA GLU A 336 41.54 -12.17 -5.02
C GLU A 336 41.61 -12.75 -6.46
N GLY A 337 40.72 -13.70 -6.74
CA GLY A 337 40.56 -14.29 -8.08
C GLY A 337 39.74 -13.46 -9.09
N LEU A 338 39.10 -12.36 -8.66
CA LEU A 338 38.35 -11.52 -9.60
C LEU A 338 39.30 -10.70 -10.45
N LYS A 339 38.91 -10.48 -11.68
CA LYS A 339 39.71 -9.76 -12.64
C LYS A 339 39.07 -8.38 -12.81
N VAL A 340 39.79 -7.35 -12.34
CA VAL A 340 39.35 -6.00 -12.33
C VAL A 340 39.77 -5.31 -13.61
N GLY A 341 38.86 -4.58 -14.24
CA GLY A 341 39.15 -3.93 -15.52
C GLY A 341 37.93 -3.35 -16.16
N ASN A 342 38.15 -2.68 -17.29
CA ASN A 342 37.06 -2.22 -18.17
C ASN A 342 36.09 -3.37 -18.48
N GLY A 343 34.78 -3.11 -18.32
CA GLY A 343 33.77 -4.16 -18.53
C GLY A 343 33.64 -4.67 -19.95
N LEU A 344 34.14 -3.90 -20.91
CA LEU A 344 34.15 -4.33 -22.33
C LEU A 344 35.13 -5.48 -22.61
N GLU A 345 36.18 -5.63 -21.83
CA GLU A 345 37.06 -6.79 -21.97
C GLU A 345 36.25 -8.01 -21.47
N GLU A 346 36.14 -9.05 -22.28
CA GLU A 346 35.23 -10.15 -21.95
C GLU A 346 35.67 -10.94 -20.71
N GLY A 347 36.98 -11.06 -20.48
CA GLY A 347 37.53 -11.67 -19.23
C GLY A 347 37.34 -10.88 -17.91
N THR A 348 36.98 -9.59 -18.00
CA THR A 348 36.70 -8.80 -16.79
C THR A 348 35.58 -9.39 -15.99
N THR A 349 35.82 -9.52 -14.70
CA THR A 349 34.89 -10.12 -13.78
C THR A 349 34.42 -9.12 -12.64
N LEU A 350 35.13 -8.00 -12.46
CA LEU A 350 34.72 -6.90 -11.61
C LEU A 350 35.04 -5.64 -12.37
N GLY A 351 34.01 -4.91 -12.75
CA GLY A 351 34.19 -3.65 -13.40
C GLY A 351 34.37 -2.50 -12.46
N ALA A 352 34.37 -1.30 -13.04
CA ALA A 352 34.38 -0.04 -12.29
C ALA A 352 33.07 0.18 -11.57
N LEU A 353 33.11 0.87 -10.43
CA LEU A 353 31.89 1.25 -9.73
C LEU A 353 31.18 2.30 -10.58
N ALA A 354 29.88 2.47 -10.38
CA ALA A 354 29.03 3.18 -11.34
C ALA A 354 29.32 4.64 -11.45
N ASN A 355 29.91 5.23 -10.41
CA ASN A 355 30.01 6.68 -10.33
C ASN A 355 30.96 7.08 -9.15
N PRO A 356 31.46 8.34 -9.16
CA PRO A 356 32.54 8.70 -8.20
C PRO A 356 32.09 8.75 -6.74
N ARG A 357 30.79 8.94 -6.46
CA ARG A 357 30.25 9.01 -5.09
C ARG A 357 30.39 7.62 -4.42
N ARG A 358 30.43 6.59 -5.25
CA ARG A 358 30.61 5.20 -4.79
C ARG A 358 32.05 4.94 -4.30
N LEU A 359 33.06 5.53 -4.95
CA LEU A 359 34.44 5.46 -4.41
C LEU A 359 34.53 6.14 -3.05
N THR A 360 34.00 7.36 -2.99
CA THR A 360 33.96 8.14 -1.76
C THR A 360 33.35 7.29 -0.64
N ALA A 361 32.26 6.59 -0.96
CA ALA A 361 31.54 5.80 0.05
C ALA A 361 32.38 4.56 0.48
N MET A 362 33.09 3.90 -0.44
CA MET A 362 33.92 2.75 -0.06
C MET A 362 35.08 3.18 0.79
N ALA A 363 35.66 4.35 0.50
CA ALA A 363 36.74 4.86 1.33
C ALA A 363 36.28 5.09 2.73
N SER A 364 35.10 5.69 2.92
CA SER A 364 34.55 5.92 4.27
C SER A 364 34.29 4.65 5.03
N VAL A 365 33.77 3.62 4.34
CA VAL A 365 33.41 2.35 4.96
C VAL A 365 34.65 1.64 5.48
N ILE A 366 35.65 1.51 4.63
CA ILE A 366 36.92 0.86 4.98
C ILE A 366 37.61 1.63 6.14
N ASP A 367 37.55 2.97 6.05
CA ASP A 367 38.20 3.81 7.04
C ASP A 367 37.60 3.61 8.45
N ASN A 368 36.28 3.66 8.52
CA ASN A 368 35.61 3.37 9.76
C ASN A 368 35.94 1.94 10.27
N ALA A 369 35.88 0.95 9.39
CA ALA A 369 36.25 -0.43 9.79
C ALA A 369 37.65 -0.47 10.45
N ARG A 370 38.62 0.18 9.82
CA ARG A 370 39.94 0.17 10.37
C ARG A 370 39.92 0.87 11.73
N LYS A 371 39.31 2.05 11.78
CA LYS A 371 39.28 2.83 13.01
C LYS A 371 38.56 2.09 14.17
N VAL A 372 37.51 1.30 13.92
CA VAL A 372 36.88 0.56 15.03
C VAL A 372 37.53 -0.80 15.39
N GLY A 373 38.63 -1.17 14.72
CA GLY A 373 39.44 -2.37 15.08
C GLY A 373 39.14 -3.62 14.24
N ALA A 374 38.45 -3.43 13.11
CA ALA A 374 38.18 -4.57 12.24
C ALA A 374 39.44 -4.79 11.44
N SER A 375 39.62 -5.99 10.92
CA SER A 375 40.78 -6.29 10.05
C SER A 375 40.38 -6.33 8.54
N ILE A 376 41.19 -5.66 7.73
CA ILE A 376 41.09 -5.73 6.26
C ILE A 376 41.87 -6.94 5.85
N GLU A 377 41.18 -8.03 5.50
CA GLU A 377 41.81 -9.26 5.08
C GLU A 377 42.27 -9.20 3.63
N THR A 378 41.55 -8.47 2.75
CA THR A 378 41.98 -8.22 1.37
C THR A 378 41.37 -6.95 0.82
N GLY A 379 42.08 -6.33 -0.11
CA GLY A 379 41.61 -5.17 -0.80
C GLY A 379 41.66 -3.92 0.07
N GLY A 380 40.64 -3.08 -0.05
CA GLY A 380 40.52 -1.94 0.84
C GLY A 380 40.90 -0.62 0.24
N GLU A 381 41.26 -0.63 -1.06
CA GLU A 381 41.76 0.54 -1.75
C GLU A 381 41.21 0.69 -3.18
N ARG A 382 41.14 1.94 -3.60
CA ARG A 382 41.05 2.29 -4.99
C ARG A 382 42.17 1.67 -5.83
N ILE A 383 41.86 1.28 -7.05
CA ILE A 383 42.86 0.80 -7.97
C ILE A 383 43.02 1.84 -9.06
N GLY A 384 44.26 2.32 -9.26
CA GLY A 384 44.57 3.34 -10.29
C GLY A 384 44.08 4.72 -9.86
N SER A 385 44.21 5.69 -10.76
CA SER A 385 43.79 7.06 -10.51
C SER A 385 42.81 7.57 -11.59
N GLU A 386 42.24 6.66 -12.38
CA GLU A 386 41.26 7.00 -13.42
C GLU A 386 40.12 5.97 -13.37
N GLY A 387 38.91 6.44 -13.59
CA GLY A 387 37.76 5.57 -13.44
C GLY A 387 37.42 5.34 -11.96
N ASN A 388 36.45 4.47 -11.73
CA ASN A 388 35.95 4.25 -10.37
C ASN A 388 36.27 2.86 -9.88
N PHE A 389 37.52 2.44 -10.05
CA PHE A 389 37.91 1.11 -9.67
C PHE A 389 38.21 1.03 -8.16
N PHE A 390 37.52 0.09 -7.49
CA PHE A 390 37.78 -0.21 -6.07
C PHE A 390 38.00 -1.70 -5.89
N ALA A 391 38.99 -2.05 -5.13
CA ALA A 391 39.34 -3.47 -4.98
C ALA A 391 38.31 -4.30 -4.19
N PRO A 392 38.12 -5.55 -4.61
CA PRO A 392 37.19 -6.40 -3.85
C PRO A 392 37.77 -6.61 -2.45
N THR A 393 36.96 -6.39 -1.42
CA THR A 393 37.39 -6.26 -0.04
C THR A 393 36.59 -7.18 0.91
N VAL A 394 37.32 -7.75 1.88
CA VAL A 394 36.77 -8.59 2.91
C VAL A 394 37.26 -8.08 4.26
N ILE A 395 36.32 -7.88 5.17
CA ILE A 395 36.53 -7.33 6.48
C ILE A 395 36.08 -8.41 7.45
N ALA A 396 36.96 -8.71 8.39
CA ALA A 396 36.70 -9.68 9.43
C ALA A 396 36.84 -8.99 10.76
N ASN A 397 36.51 -9.75 11.80
CA ASN A 397 36.57 -9.29 13.20
C ASN A 397 35.77 -8.00 13.35
N VAL A 398 34.61 -7.96 12.75
CA VAL A 398 33.86 -6.71 12.62
C VAL A 398 32.98 -6.44 13.86
N PRO A 399 33.21 -5.35 14.60
CA PRO A 399 32.30 -5.08 15.74
C PRO A 399 30.93 -4.61 15.28
N LEU A 400 29.90 -4.82 16.07
CA LEU A 400 28.49 -4.45 15.70
C LEU A 400 28.24 -2.97 15.49
N ASP A 401 29.18 -2.14 15.96
CA ASP A 401 29.03 -0.69 15.78
C ASP A 401 29.75 -0.15 14.50
N ALA A 402 30.44 -1.01 13.73
CA ALA A 402 31.06 -0.56 12.46
C ALA A 402 30.01 -0.10 11.42
N ASP A 403 30.24 1.04 10.77
CA ASP A 403 29.39 1.45 9.64
C ASP A 403 28.96 0.30 8.67
N VAL A 404 29.90 -0.56 8.28
CA VAL A 404 29.60 -1.63 7.35
C VAL A 404 28.51 -2.60 7.88
N PHE A 405 28.39 -2.67 9.19
CA PHE A 405 27.35 -3.52 9.86
C PHE A 405 26.06 -2.79 10.23
N ASN A 406 25.87 -1.55 9.73
CA ASN A 406 24.68 -0.74 10.03
C ASN A 406 24.12 -0.04 8.82
N ASN A 407 24.97 0.54 7.97
CA ASN A 407 24.56 1.24 6.74
C ASN A 407 24.86 0.35 5.55
N GLU A 408 24.07 0.52 4.50
CA GLU A 408 24.17 -0.32 3.32
C GLU A 408 25.44 0.09 2.56
N PRO A 409 26.45 -0.80 2.47
CA PRO A 409 27.66 -0.37 1.80
C PRO A 409 27.50 -0.16 0.27
N PHE A 410 26.76 -1.05 -0.38
CA PHE A 410 26.45 -0.94 -1.81
C PHE A 410 27.73 -0.91 -2.68
N GLY A 411 28.59 -1.89 -2.46
CA GLY A 411 29.89 -1.90 -3.06
C GLY A 411 30.59 -3.19 -2.70
N PRO A 412 31.84 -3.36 -3.16
CA PRO A 412 32.40 -4.70 -3.16
C PRO A 412 33.12 -5.05 -1.86
N VAL A 413 32.34 -5.08 -0.75
CA VAL A 413 32.85 -5.26 0.63
C VAL A 413 31.99 -6.26 1.32
N ALA A 414 32.58 -7.35 1.80
CA ALA A 414 31.93 -8.26 2.73
C ALA A 414 32.47 -8.10 4.13
N ALA A 415 31.60 -8.26 5.10
CA ALA A 415 31.87 -8.04 6.49
C ALA A 415 31.55 -9.33 7.21
N ILE A 416 32.53 -9.88 7.93
CA ILE A 416 32.39 -11.17 8.55
C ILE A 416 32.41 -11.06 10.06
N ARG A 417 31.49 -11.76 10.69
CA ARG A 417 31.45 -11.95 12.14
C ARG A 417 31.10 -13.37 12.46
N GLY A 418 31.59 -13.89 13.60
CA GLY A 418 31.14 -15.16 14.13
C GLY A 418 29.92 -15.24 15.02
N PHE A 419 29.46 -16.48 15.25
CA PHE A 419 28.42 -16.74 16.23
C PHE A 419 28.55 -18.16 16.73
N ASP A 420 28.08 -18.40 17.95
CA ASP A 420 28.01 -19.75 18.55
C ASP A 420 26.65 -20.37 18.26
N LYS A 421 25.58 -19.69 18.66
CA LYS A 421 24.24 -20.20 18.56
C LYS A 421 23.44 -19.58 17.42
N LEU A 422 22.76 -20.43 16.67
CA LEU A 422 21.86 -20.01 15.59
C LEU A 422 20.90 -18.88 15.96
N GLU A 423 20.38 -18.91 17.16
CA GLU A 423 19.48 -17.85 17.56
C GLU A 423 20.15 -16.51 17.84
N GLU A 424 21.45 -16.46 18.17
CA GLU A 424 22.13 -15.17 18.19
C GLU A 424 22.27 -14.64 16.76
N ALA A 425 22.54 -15.50 15.78
CA ALA A 425 22.70 -15.03 14.40
C ALA A 425 21.40 -14.51 13.85
N ILE A 426 20.28 -15.19 14.14
CA ILE A 426 18.99 -14.73 13.74
C ILE A 426 18.69 -13.36 14.36
N ALA A 427 19.01 -13.15 15.63
CA ALA A 427 18.72 -11.84 16.28
C ALA A 427 19.57 -10.71 15.62
N GLU A 428 20.83 -11.01 15.30
CA GLU A 428 21.65 -10.05 14.58
C GLU A 428 21.09 -9.76 13.16
N ALA A 429 20.66 -10.82 12.47
CA ALA A 429 20.07 -10.63 11.19
C ALA A 429 18.86 -9.70 11.20
N ASN A 430 18.08 -9.76 12.28
CA ASN A 430 16.92 -8.90 12.50
C ASN A 430 17.09 -7.55 13.24
N ARG A 431 18.31 -7.23 13.66
CA ARG A 431 18.59 -5.98 14.40
C ARG A 431 18.37 -4.76 13.58
N LEU A 432 18.70 -4.80 12.29
CA LEU A 432 18.63 -3.61 11.50
C LEU A 432 17.22 -3.32 10.98
N PRO A 433 16.94 -2.04 10.74
CA PRO A 433 15.65 -1.66 10.18
C PRO A 433 15.47 -2.10 8.72
N PHE A 434 16.53 -2.44 8.02
CA PHE A 434 16.47 -3.03 6.68
C PHE A 434 15.96 -4.51 6.68
N GLY A 435 15.36 -4.96 5.57
CA GLY A 435 14.84 -6.29 5.47
C GLY A 435 14.40 -6.65 4.07
N LEU A 436 15.35 -6.89 3.22
CA LEU A 436 15.05 -7.11 1.85
C LEU A 436 15.39 -8.55 1.64
N ALA A 437 16.68 -8.88 1.47
CA ALA A 437 17.11 -10.25 1.24
C ALA A 437 17.88 -10.84 2.39
N GLY A 438 17.86 -12.17 2.46
CA GLY A 438 18.63 -12.97 3.43
C GLY A 438 19.13 -14.25 2.74
N TYR A 439 20.21 -14.81 3.25
CA TYR A 439 20.79 -16.02 2.73
C TYR A 439 21.18 -16.89 3.88
N ALA A 440 21.11 -18.21 3.72
CA ALA A 440 21.65 -19.11 4.71
C ALA A 440 22.19 -20.38 4.09
N PHE A 441 23.01 -21.10 4.85
CA PHE A 441 23.60 -22.39 4.42
C PHE A 441 23.51 -23.36 5.57
N THR A 442 22.81 -24.46 5.32
CA THR A 442 22.45 -25.39 6.37
C THR A 442 21.80 -26.60 5.68
N ARG A 443 21.76 -27.72 6.38
CA ARG A 443 21.28 -28.97 5.85
C ARG A 443 20.11 -29.60 6.62
N SER A 444 19.85 -29.17 7.87
CA SER A 444 18.78 -29.73 8.68
C SER A 444 17.41 -29.08 8.37
N PHE A 445 16.37 -29.91 8.36
CA PHE A 445 15.03 -29.43 8.18
C PHE A 445 14.73 -28.45 9.29
N ALA A 446 15.08 -28.80 10.54
CA ALA A 446 14.86 -27.89 11.71
C ALA A 446 15.38 -26.45 11.47
N ASN A 447 16.60 -26.32 10.96
CA ASN A 447 17.18 -24.98 10.70
C ASN A 447 16.49 -24.27 9.57
N VAL A 448 16.18 -24.99 8.52
CA VAL A 448 15.45 -24.40 7.42
C VAL A 448 14.15 -23.83 7.89
N HIS A 449 13.43 -24.62 8.70
CA HIS A 449 12.13 -24.20 9.18
C HIS A 449 12.23 -22.97 10.10
N LEU A 450 13.21 -23.00 10.98
CA LEU A 450 13.46 -21.91 11.88
C LEU A 450 13.81 -20.59 11.11
N LEU A 451 14.72 -20.69 10.14
CA LEU A 451 15.12 -19.51 9.39
C LEU A 451 13.93 -18.98 8.59
N THR A 452 13.08 -19.88 8.13
CA THR A 452 11.93 -19.47 7.37
C THR A 452 10.95 -18.64 8.22
N GLN A 453 10.65 -19.09 9.43
CA GLN A 453 9.66 -18.43 10.26
C GLN A 453 10.21 -17.14 10.88
N ARG A 454 11.52 -17.11 11.22
CA ARG A 454 12.08 -16.05 12.10
C ARG A 454 12.88 -14.93 11.41
N LEU A 455 13.40 -15.15 10.22
CA LEU A 455 14.19 -14.12 9.55
C LEU A 455 13.28 -13.02 8.94
N GLU A 456 13.49 -11.77 9.33
CA GLU A 456 12.71 -10.61 8.87
C GLU A 456 13.22 -10.10 7.55
N VAL A 457 12.86 -10.79 6.50
CA VAL A 457 13.25 -10.45 5.17
C VAL A 457 12.08 -10.66 4.26
N GLY A 458 12.15 -10.09 3.06
CA GLY A 458 11.16 -10.37 2.02
C GLY A 458 11.50 -11.56 1.14
N MET A 459 12.78 -11.90 1.03
CA MET A 459 13.27 -13.00 0.23
C MET A 459 14.43 -13.71 0.93
N LEU A 460 14.35 -15.04 0.98
CA LEU A 460 15.36 -15.86 1.70
C LEU A 460 15.82 -16.93 0.73
N TRP A 461 17.13 -16.98 0.43
CA TRP A 461 17.70 -18.02 -0.39
C TRP A 461 18.66 -18.93 0.38
N ILE A 462 18.45 -20.23 0.30
CA ILE A 462 19.15 -21.18 1.16
C ILE A 462 19.88 -22.18 0.29
N ASN A 463 21.18 -22.29 0.55
CA ASN A 463 22.11 -23.13 -0.21
C ASN A 463 22.28 -22.82 -1.66
N GLN A 464 22.09 -21.56 -2.05
CA GLN A 464 22.30 -21.16 -3.45
C GLN A 464 22.37 -19.66 -3.51
N PRO A 465 22.89 -19.10 -4.60
CA PRO A 465 22.76 -17.65 -4.72
C PRO A 465 21.32 -17.20 -5.01
N ALA A 466 21.13 -15.89 -5.12
CA ALA A 466 19.84 -15.28 -5.50
C ALA A 466 19.43 -15.70 -6.91
N THR A 467 18.23 -16.29 -7.01
CA THR A 467 17.50 -16.59 -8.26
C THR A 467 16.09 -15.84 -8.32
N PRO A 468 16.08 -14.50 -8.53
CA PRO A 468 14.75 -13.78 -8.46
C PRO A 468 14.00 -13.87 -9.78
N TRP A 469 13.55 -15.06 -10.10
CA TRP A 469 12.69 -15.28 -11.25
C TRP A 469 11.42 -14.39 -11.18
N PRO A 470 10.87 -13.94 -12.34
CA PRO A 470 9.67 -13.09 -12.32
C PRO A 470 8.45 -13.67 -11.59
N GLU A 471 8.39 -14.99 -11.52
CA GLU A 471 7.24 -15.68 -10.91
C GLU A 471 7.26 -15.63 -9.40
N MET A 472 8.37 -15.17 -8.81
CA MET A 472 8.57 -15.17 -7.34
C MET A 472 8.40 -13.75 -6.83
N PRO A 473 7.65 -13.55 -5.74
CA PRO A 473 7.61 -12.18 -5.17
C PRO A 473 8.99 -11.63 -4.80
N PHE A 474 9.15 -10.33 -5.01
CA PHE A 474 10.42 -9.65 -4.79
C PHE A 474 10.10 -8.29 -4.14
N GLY A 475 10.36 -8.19 -2.85
CA GLY A 475 10.01 -6.94 -2.16
C GLY A 475 10.44 -7.00 -0.73
N GLY A 476 10.54 -5.83 -0.10
CA GLY A 476 11.01 -5.67 1.27
C GLY A 476 9.96 -5.58 2.39
N VAL A 477 10.45 -5.48 3.62
CA VAL A 477 9.65 -5.10 4.77
C VAL A 477 10.43 -4.04 5.53
N LYS A 478 9.81 -3.44 6.57
CA LYS A 478 10.44 -2.40 7.44
C LYS A 478 11.00 -1.27 6.54
N ASP A 479 12.24 -0.78 6.75
CA ASP A 479 12.77 0.31 5.90
C ASP A 479 13.10 -0.06 4.48
N SER A 480 12.98 -1.32 4.10
CA SER A 480 13.30 -1.68 2.72
C SER A 480 12.14 -1.43 1.78
N GLY A 481 10.98 -1.07 2.31
CA GLY A 481 9.81 -0.66 1.54
C GLY A 481 8.62 -1.61 1.55
N TYR A 482 7.84 -1.53 0.49
CA TYR A 482 6.68 -2.34 0.36
C TYR A 482 6.20 -2.46 -1.10
N GLY A 483 5.46 -3.53 -1.35
CA GLY A 483 5.03 -3.88 -2.66
C GLY A 483 5.99 -4.90 -3.26
N SER A 484 5.44 -5.79 -4.04
CA SER A 484 6.17 -6.86 -4.61
C SER A 484 6.39 -6.55 -6.11
N GLU A 485 7.50 -7.04 -6.65
CA GLU A 485 7.73 -6.93 -8.11
C GLU A 485 7.89 -8.31 -8.77
N GLY A 486 7.37 -9.35 -8.14
CA GLY A 486 7.23 -10.61 -8.83
C GLY A 486 5.97 -11.29 -8.39
N GLY A 487 5.62 -12.33 -9.13
CA GLY A 487 4.46 -13.09 -8.85
C GLY A 487 3.20 -12.36 -9.27
N PRO A 488 2.06 -13.05 -9.17
CA PRO A 488 0.75 -12.35 -9.31
C PRO A 488 0.69 -11.08 -8.40
N GLU A 489 1.28 -11.18 -7.20
CA GLU A 489 1.33 -10.08 -6.28
C GLU A 489 1.89 -8.79 -6.95
N ALA A 490 2.78 -8.95 -7.93
CA ALA A 490 3.32 -7.80 -8.70
C ALA A 490 2.27 -6.97 -9.40
N LEU A 491 1.07 -7.51 -9.65
CA LEU A 491 0.07 -6.75 -10.38
C LEU A 491 -0.79 -5.90 -9.45
N GLU A 492 -0.95 -6.30 -8.18
CA GLU A 492 -1.91 -5.65 -7.27
C GLU A 492 -1.74 -4.15 -7.03
N PRO A 493 -0.48 -3.66 -6.98
CA PRO A 493 -0.28 -2.26 -6.82
C PRO A 493 -0.72 -1.44 -8.04
N TYR A 494 -0.97 -2.12 -9.17
CA TYR A 494 -1.41 -1.48 -10.39
C TYR A 494 -2.86 -1.69 -10.62
N LEU A 495 -3.54 -2.30 -9.66
CA LEU A 495 -4.95 -2.62 -9.81
C LEU A 495 -5.76 -1.94 -8.76
N VAL A 496 -7.05 -1.72 -9.09
CA VAL A 496 -8.04 -1.35 -8.11
C VAL A 496 -9.06 -2.44 -8.07
N THR A 497 -9.68 -2.63 -6.93
CA THR A 497 -10.57 -3.73 -6.71
C THR A 497 -11.91 -3.06 -6.43
N LYS A 498 -12.93 -3.55 -7.14
CA LYS A 498 -14.23 -2.98 -7.07
C LYS A 498 -15.31 -4.03 -6.72
N SER A 499 -15.97 -3.84 -5.59
CA SER A 499 -17.12 -4.68 -5.25
C SER A 499 -18.38 -4.27 -5.97
N VAL A 500 -18.97 -5.18 -6.73
CA VAL A 500 -20.19 -4.88 -7.44
C VAL A 500 -21.31 -5.83 -7.04
N THR A 501 -22.44 -5.31 -6.56
CA THR A 501 -23.59 -6.12 -6.19
C THR A 501 -24.79 -5.62 -6.98
N VAL A 502 -25.44 -6.49 -7.73
CA VAL A 502 -26.57 -6.12 -8.59
C VAL A 502 -27.77 -6.97 -8.22
N MET A 503 -28.81 -6.36 -7.68
CA MET A 503 -30.06 -7.08 -7.39
C MET A 503 -30.92 -7.19 -8.66
N ALA A 504 -31.18 -8.43 -9.07
CA ALA A 504 -32.13 -8.72 -10.12
C ALA A 504 -33.55 -8.70 -9.56
N THR B 29 -28.35 4.22 32.52
CA THR B 29 -26.91 4.12 32.97
C THR B 29 -25.86 4.39 31.84
N TYR B 30 -24.92 5.32 32.06
CA TYR B 30 -23.75 5.55 31.18
C TYR B 30 -22.48 5.53 32.05
N THR B 31 -21.41 4.86 31.60
CA THR B 31 -20.19 4.61 32.38
C THR B 31 -19.06 5.46 31.88
N ASP B 32 -18.14 5.80 32.78
CA ASP B 32 -16.89 6.48 32.41
C ASP B 32 -15.94 5.44 31.74
N THR B 33 -15.04 5.89 30.87
CA THR B 33 -14.20 4.99 30.07
C THR B 33 -12.76 5.18 30.39
N GLN B 34 -12.04 4.07 30.46
CA GLN B 34 -10.63 4.05 30.77
C GLN B 34 -9.78 3.60 29.59
N LEU B 35 -8.45 3.75 29.70
CA LEU B 35 -7.51 3.21 28.74
C LEU B 35 -7.38 1.71 28.94
N LEU B 36 -7.08 0.96 27.86
CA LEU B 36 -6.71 -0.45 28.02
C LEU B 36 -5.26 -0.62 27.65
N ILE B 37 -4.43 -0.98 28.62
CA ILE B 37 -3.00 -1.18 28.46
C ILE B 37 -2.60 -2.45 29.21
N ASP B 38 -2.05 -3.41 28.46
CA ASP B 38 -1.47 -4.65 28.99
C ASP B 38 -2.45 -5.43 29.84
N GLY B 39 -3.67 -5.53 29.35
CA GLY B 39 -4.69 -6.35 29.93
C GLY B 39 -5.44 -5.67 31.05
N GLU B 40 -5.11 -4.40 31.31
CA GLU B 40 -5.60 -3.67 32.46
C GLU B 40 -6.35 -2.40 32.03
N TRP B 41 -7.57 -2.21 32.52
CA TRP B 41 -8.29 -0.95 32.44
C TRP B 41 -7.69 -0.03 33.45
N VAL B 42 -7.17 1.11 32.99
CA VAL B 42 -6.42 2.04 33.81
C VAL B 42 -6.68 3.49 33.42
N ASP B 43 -6.43 4.37 34.37
CA ASP B 43 -6.42 5.81 34.14
C ASP B 43 -5.11 6.21 33.45
N ALA B 44 -5.11 7.40 32.86
CA ALA B 44 -3.86 8.01 32.46
C ALA B 44 -3.03 8.38 33.69
N ALA B 45 -1.70 8.32 33.56
CA ALA B 45 -0.78 8.64 34.68
C ALA B 45 -1.01 10.04 35.28
N SER B 46 -1.20 11.05 34.39
CA SER B 46 -1.63 12.43 34.75
C SER B 46 -3.00 12.46 35.48
N GLY B 47 -3.84 11.45 35.30
CA GLY B 47 -5.18 11.54 35.84
C GLY B 47 -6.13 12.43 35.03
N LYS B 48 -5.67 13.02 33.92
CA LYS B 48 -6.57 13.84 33.07
C LYS B 48 -7.73 13.01 32.42
N THR B 49 -8.89 13.65 32.32
CA THR B 49 -10.03 13.15 31.59
C THR B 49 -10.59 14.21 30.62
N ILE B 50 -11.43 13.74 29.69
CA ILE B 50 -12.17 14.59 28.77
C ILE B 50 -13.63 14.31 29.02
N ASP B 51 -14.48 15.32 28.94
CA ASP B 51 -15.93 15.12 29.11
C ASP B 51 -16.62 14.57 27.84
N VAL B 52 -17.57 13.69 28.10
CA VAL B 52 -18.41 13.13 27.07
C VAL B 52 -19.80 13.69 27.22
N VAL B 53 -20.37 14.14 26.09
CA VAL B 53 -21.72 14.74 26.03
C VAL B 53 -22.68 13.85 25.27
N ASN B 54 -23.97 13.91 25.64
CA ASN B 54 -25.05 13.33 24.86
C ASN B 54 -25.48 14.31 23.76
N PRO B 55 -25.24 13.99 22.48
CA PRO B 55 -25.62 14.92 21.47
C PRO B 55 -27.12 15.23 21.35
N ALA B 56 -27.99 14.40 21.92
CA ALA B 56 -29.45 14.71 21.88
C ALA B 56 -29.86 15.83 22.84
N THR B 57 -29.03 16.12 23.85
CA THR B 57 -29.33 17.14 24.88
C THR B 57 -28.24 18.18 25.15
N GLY B 58 -26.99 17.90 24.79
CA GLY B 58 -25.88 18.77 25.12
C GLY B 58 -25.31 18.59 26.52
N LYS B 59 -25.90 17.68 27.30
CA LYS B 59 -25.58 17.49 28.72
C LYS B 59 -24.44 16.50 28.95
N PRO B 60 -23.51 16.81 29.87
CA PRO B 60 -22.46 15.82 30.14
C PRO B 60 -23.05 14.51 30.66
N ILE B 61 -22.50 13.38 30.19
CA ILE B 61 -22.95 12.06 30.64
C ILE B 61 -21.84 11.24 31.27
N GLY B 62 -20.58 11.62 31.06
CA GLY B 62 -19.50 10.87 31.64
C GLY B 62 -18.18 11.39 31.19
N ARG B 63 -17.12 10.62 31.42
CA ARG B 63 -15.80 11.06 30.98
C ARG B 63 -14.94 9.91 30.56
N VAL B 64 -13.85 10.23 29.87
CA VAL B 64 -12.92 9.24 29.34
C VAL B 64 -11.52 9.73 29.64
N ALA B 65 -10.66 8.80 30.01
CA ALA B 65 -9.25 9.12 30.26
C ALA B 65 -8.55 9.73 29.07
N HIS B 66 -7.66 10.68 29.34
CA HIS B 66 -6.92 11.41 28.33
C HIS B 66 -5.46 11.04 28.52
N ALA B 67 -5.00 10.19 27.61
CA ALA B 67 -3.65 9.68 27.62
C ALA B 67 -2.58 10.71 27.27
N GLY B 68 -1.42 10.57 27.90
CA GLY B 68 -0.20 11.34 27.58
C GLY B 68 0.87 10.43 26.99
N ILE B 69 2.02 11.02 26.64
CA ILE B 69 3.13 10.30 26.02
C ILE B 69 3.53 9.09 26.91
N ALA B 70 3.50 9.25 28.24
CA ALA B 70 3.95 8.19 29.14
C ALA B 70 3.05 6.96 29.04
N ASP B 71 1.76 7.17 28.88
CA ASP B 71 0.84 6.03 28.71
C ASP B 71 1.01 5.36 27.33
N LEU B 72 1.34 6.15 26.33
CA LEU B 72 1.58 5.61 25.00
C LEU B 72 2.80 4.70 24.99
N ASP B 73 3.88 5.14 25.62
CA ASP B 73 5.11 4.35 25.84
C ASP B 73 4.81 2.98 26.48
N ARG B 74 4.00 2.98 27.52
CA ARG B 74 3.63 1.75 28.17
C ARG B 74 2.77 0.89 27.19
N ALA B 75 1.95 1.55 26.38
CA ALA B 75 1.14 0.87 25.40
C ALA B 75 1.96 0.27 24.28
N LEU B 76 2.99 0.96 23.84
CA LEU B 76 3.88 0.49 22.78
C LEU B 76 4.73 -0.65 23.24
N ALA B 77 5.25 -0.57 24.45
CA ALA B 77 5.98 -1.73 25.00
C ALA B 77 5.09 -2.96 25.07
N ALA B 78 3.85 -2.81 25.54
CA ALA B 78 2.93 -3.93 25.65
C ALA B 78 2.54 -4.49 24.23
N ALA B 79 2.38 -3.63 23.24
CA ALA B 79 2.06 -4.08 21.91
C ALA B 79 3.21 -4.90 21.36
N GLN B 80 4.45 -4.53 21.67
CA GLN B 80 5.58 -5.31 21.19
C GLN B 80 5.52 -6.74 21.76
N SER B 81 5.43 -6.87 23.07
CA SER B 81 5.19 -8.14 23.74
C SER B 81 3.99 -8.90 23.25
N GLY B 82 2.85 -8.20 23.06
CA GLY B 82 1.61 -8.84 22.56
C GLY B 82 1.82 -9.47 21.20
N PHE B 83 2.58 -8.77 20.36
CA PHE B 83 2.84 -9.22 19.03
C PHE B 83 3.67 -10.53 19.10
N GLU B 84 4.72 -10.53 19.91
CA GLU B 84 5.54 -11.72 20.08
C GLU B 84 4.71 -12.87 20.62
N ALA B 85 3.69 -12.63 21.45
CA ALA B 85 2.87 -13.78 21.95
C ALA B 85 1.86 -14.27 20.93
N TRP B 86 1.15 -13.32 20.31
CA TRP B 86 0.03 -13.62 19.47
C TRP B 86 0.45 -14.22 18.14
N ARG B 87 1.58 -13.78 17.57
CA ARG B 87 2.11 -14.41 16.37
C ARG B 87 2.37 -15.93 16.49
N LYS B 88 2.63 -16.42 17.70
CA LYS B 88 2.93 -17.85 18.00
C LYS B 88 1.70 -18.70 18.31
N VAL B 89 0.54 -18.08 18.36
CA VAL B 89 -0.69 -18.78 18.71
C VAL B 89 -1.26 -19.23 17.35
N PRO B 90 -1.47 -20.55 17.18
CA PRO B 90 -1.93 -21.09 15.88
C PRO B 90 -3.21 -20.45 15.46
N ALA B 91 -3.40 -20.35 14.16
CA ALA B 91 -4.56 -19.70 13.59
C ALA B 91 -5.84 -20.29 14.09
N HIS B 92 -5.92 -21.62 14.30
CA HIS B 92 -7.18 -22.21 14.80
C HIS B 92 -7.50 -21.84 16.25
N GLU B 93 -6.50 -21.48 17.06
CA GLU B 93 -6.77 -21.04 18.42
C GLU B 93 -7.14 -19.57 18.49
N ARG B 94 -6.42 -18.75 17.73
CA ARG B 94 -6.81 -17.32 17.49
C ARG B 94 -8.25 -17.19 17.06
N ALA B 95 -8.63 -18.02 16.08
CA ALA B 95 -9.98 -18.10 15.53
C ALA B 95 -11.04 -18.41 16.58
N ALA B 96 -10.80 -19.41 17.42
CA ALA B 96 -11.77 -19.77 18.49
C ALA B 96 -11.90 -18.65 19.56
N THR B 97 -10.79 -17.99 19.90
CA THR B 97 -10.77 -16.87 20.83
C THR B 97 -11.56 -15.69 20.23
N MET B 98 -11.32 -15.38 18.97
CA MET B 98 -12.16 -14.38 18.28
C MET B 98 -13.66 -14.72 18.29
N ARG B 99 -14.02 -15.97 17.99
CA ARG B 99 -15.42 -16.39 18.03
C ARG B 99 -16.04 -16.28 19.41
N LYS B 100 -15.28 -16.52 20.44
CA LYS B 100 -15.82 -16.33 21.78
C LYS B 100 -16.15 -14.85 22.02
N ALA B 101 -15.25 -13.94 21.61
CA ALA B 101 -15.44 -12.51 21.78
C ALA B 101 -16.67 -12.08 21.07
N ALA B 102 -16.88 -12.67 19.89
CA ALA B 102 -18.11 -12.37 19.11
C ALA B 102 -19.39 -12.81 19.78
N ALA B 103 -19.39 -14.01 20.35
CA ALA B 103 -20.46 -14.45 21.18
C ALA B 103 -20.70 -13.47 22.37
N LEU B 104 -19.64 -12.94 22.96
CA LEU B 104 -19.81 -11.99 24.04
C LEU B 104 -20.41 -10.68 23.55
N VAL B 105 -19.86 -10.15 22.43
CA VAL B 105 -20.43 -8.94 21.77
C VAL B 105 -21.95 -9.15 21.55
N ARG B 106 -22.26 -10.28 20.94
CA ARG B 106 -23.66 -10.64 20.71
C ARG B 106 -24.49 -10.74 22.02
N GLU B 107 -23.98 -11.43 23.05
CA GLU B 107 -24.66 -11.44 24.36
C GLU B 107 -24.92 -10.03 24.93
N ARG B 108 -24.04 -9.07 24.68
CA ARG B 108 -24.08 -7.76 25.33
C ARG B 108 -24.60 -6.66 24.41
N ALA B 109 -25.27 -7.03 23.31
CA ALA B 109 -25.71 -6.11 22.28
C ALA B 109 -26.59 -4.98 22.77
N ASP B 110 -27.58 -5.29 23.59
CA ASP B 110 -28.39 -4.27 24.25
C ASP B 110 -27.59 -3.26 25.09
N ALA B 111 -26.74 -3.74 25.97
CA ALA B 111 -25.97 -2.82 26.82
C ALA B 111 -25.04 -1.91 25.99
N ILE B 112 -24.38 -2.47 24.99
CA ILE B 112 -23.43 -1.73 24.12
C ILE B 112 -24.18 -0.70 23.25
N ALA B 113 -25.29 -1.13 22.66
CA ALA B 113 -26.21 -0.28 21.88
C ALA B 113 -26.64 0.94 22.69
N GLN B 114 -27.01 0.70 23.95
CA GLN B 114 -27.37 1.79 24.84
C GLN B 114 -26.29 2.79 25.08
N LEU B 115 -25.08 2.33 25.31
CA LEU B 115 -23.96 3.23 25.44
C LEU B 115 -23.79 4.09 24.17
N MET B 116 -23.85 3.42 23.01
CA MET B 116 -23.51 4.00 21.74
C MET B 116 -24.51 5.13 21.45
N THR B 117 -25.80 4.81 21.50
CA THR B 117 -26.87 5.80 21.29
C THR B 117 -26.71 7.04 22.15
N GLN B 118 -26.37 6.86 23.41
CA GLN B 118 -26.20 8.04 24.27
C GLN B 118 -25.04 8.97 23.91
N GLU B 119 -23.93 8.40 23.47
CA GLU B 119 -22.73 9.18 23.12
C GLU B 119 -22.69 9.70 21.68
N GLN B 120 -23.38 9.01 20.79
CA GLN B 120 -23.24 9.18 19.33
C GLN B 120 -24.48 9.76 18.67
N GLY B 121 -25.67 9.36 19.14
CA GLY B 121 -26.93 9.97 18.68
C GLY B 121 -27.89 9.06 17.91
N LYS B 122 -27.39 7.96 17.33
CA LYS B 122 -28.20 7.20 16.43
C LYS B 122 -29.28 6.46 17.16
N PRO B 123 -30.36 6.11 16.48
CA PRO B 123 -31.42 5.43 17.23
C PRO B 123 -30.98 4.08 17.81
N LEU B 124 -31.53 3.73 18.96
CA LEU B 124 -31.21 2.45 19.56
C LEU B 124 -31.26 1.24 18.58
N THR B 125 -32.32 1.18 17.78
CA THR B 125 -32.48 0.15 16.77
C THR B 125 -31.25 0.06 15.83
N GLU B 126 -30.80 1.17 15.26
CA GLU B 126 -29.60 1.19 14.42
C GLU B 126 -28.33 0.83 15.17
N ALA B 127 -28.22 1.25 16.43
CA ALA B 127 -27.06 0.85 17.24
C ALA B 127 -26.99 -0.66 17.45
N ARG B 128 -28.14 -1.28 17.61
CA ARG B 128 -28.14 -2.72 17.83
C ARG B 128 -27.74 -3.41 16.54
N VAL B 129 -28.20 -2.94 15.40
CA VAL B 129 -27.81 -3.49 14.11
C VAL B 129 -26.29 -3.47 13.94
N GLU B 130 -25.64 -2.37 14.37
CA GLU B 130 -24.20 -2.19 14.19
C GLU B 130 -23.44 -3.17 15.09
N VAL B 131 -23.88 -3.31 16.34
CA VAL B 131 -23.23 -4.21 17.28
C VAL B 131 -23.34 -5.66 16.83
N LEU B 132 -24.48 -6.05 16.29
CA LEU B 132 -24.65 -7.41 15.77
C LEU B 132 -23.83 -7.64 14.50
N SER B 133 -23.77 -6.63 13.67
CA SER B 133 -23.02 -6.82 12.47
C SER B 133 -21.50 -6.85 12.86
N ALA B 134 -21.12 -6.23 13.98
CA ALA B 134 -19.74 -6.37 14.46
C ALA B 134 -19.43 -7.82 14.78
N ALA B 135 -20.34 -8.51 15.45
CA ALA B 135 -20.16 -9.92 15.76
C ALA B 135 -19.96 -10.78 14.50
N ASP B 136 -20.76 -10.48 13.50
CA ASP B 136 -20.75 -11.20 12.20
C ASP B 136 -19.36 -10.95 11.54
N ILE B 137 -18.90 -9.70 11.62
CA ILE B 137 -17.58 -9.33 11.08
C ILE B 137 -16.44 -10.14 11.73
N ILE B 138 -16.42 -10.15 13.05
CA ILE B 138 -15.37 -10.84 13.82
C ILE B 138 -15.32 -12.31 13.41
N GLU B 139 -16.49 -12.89 13.29
CA GLU B 139 -16.62 -14.27 12.95
C GLU B 139 -16.08 -14.61 11.55
N TRP B 140 -16.38 -13.82 10.55
CA TRP B 140 -15.88 -14.12 9.20
C TRP B 140 -14.38 -14.01 9.18
N PHE B 141 -13.85 -13.00 9.88
CA PHE B 141 -12.39 -12.77 9.93
C PHE B 141 -11.67 -13.85 10.75
N ALA B 142 -12.35 -14.38 11.75
CA ALA B 142 -11.81 -15.43 12.51
C ALA B 142 -11.50 -16.59 11.57
N ASP B 143 -12.47 -16.90 10.72
CA ASP B 143 -12.34 -18.03 9.82
C ASP B 143 -11.34 -17.74 8.69
N GLU B 144 -11.25 -16.48 8.26
CA GLU B 144 -10.30 -16.10 7.21
C GLU B 144 -8.83 -16.16 7.65
N GLY B 145 -8.56 -15.94 8.95
CA GLY B 145 -7.23 -16.12 9.49
C GLY B 145 -6.65 -17.52 9.28
N ARG B 146 -7.53 -18.51 9.16
CA ARG B 146 -7.14 -19.91 8.94
C ARG B 146 -6.85 -20.23 7.49
N ARG B 147 -7.11 -19.26 6.62
CA ARG B 147 -6.99 -19.38 5.17
C ARG B 147 -6.04 -18.34 4.62
N VAL B 148 -5.11 -17.86 5.45
CA VAL B 148 -3.98 -17.05 4.98
C VAL B 148 -3.01 -18.08 4.38
N TYR B 149 -3.20 -18.43 3.12
CA TYR B 149 -2.41 -19.46 2.45
C TYR B 149 -1.07 -18.97 1.85
N GLY B 150 0.01 -19.69 2.06
CA GLY B 150 1.16 -19.51 1.21
C GLY B 150 0.96 -20.25 -0.12
N ARG B 151 1.99 -20.24 -0.95
CA ARG B 151 2.00 -21.09 -2.12
C ARG B 151 3.35 -21.69 -2.46
N ILE B 152 3.30 -22.73 -3.26
CA ILE B 152 4.47 -23.44 -3.79
C ILE B 152 4.49 -23.26 -5.29
N VAL B 153 5.62 -22.80 -5.80
CA VAL B 153 5.81 -22.34 -7.21
C VAL B 153 6.59 -23.41 -7.92
N PRO B 154 6.13 -23.86 -9.12
CA PRO B 154 6.94 -24.81 -9.84
C PRO B 154 8.36 -24.29 -10.07
N PRO B 155 9.34 -25.09 -9.74
CA PRO B 155 10.66 -24.48 -9.60
C PRO B 155 11.37 -24.51 -10.91
N ARG B 156 12.35 -23.62 -11.08
CA ARG B 156 13.21 -23.69 -12.27
C ARG B 156 14.28 -24.80 -12.16
N ASN B 157 14.61 -25.23 -10.94
CA ASN B 157 15.55 -26.34 -10.70
C ASN B 157 14.83 -27.26 -9.72
N LEU B 158 14.63 -28.54 -10.07
CA LEU B 158 13.83 -29.43 -9.21
C LEU B 158 14.56 -29.84 -7.91
N GLY B 159 15.85 -29.59 -7.84
CA GLY B 159 16.55 -29.66 -6.59
C GLY B 159 16.13 -28.64 -5.53
N ALA B 160 15.44 -27.55 -5.93
CA ALA B 160 15.07 -26.49 -5.00
C ALA B 160 13.57 -26.43 -4.79
N GLN B 161 13.15 -26.15 -3.55
CA GLN B 161 11.75 -25.90 -3.21
C GLN B 161 11.54 -24.37 -3.20
N GLN B 162 10.61 -23.85 -3.98
CA GLN B 162 10.32 -22.41 -4.05
C GLN B 162 8.97 -22.21 -3.42
N THR B 163 8.94 -21.47 -2.32
CA THR B 163 7.73 -21.20 -1.59
C THR B 163 7.51 -19.70 -1.37
N VAL B 164 6.26 -19.36 -1.09
CA VAL B 164 5.87 -17.99 -0.76
C VAL B 164 5.08 -18.09 0.53
N VAL B 165 5.58 -17.50 1.60
CA VAL B 165 4.89 -17.64 2.92
C VAL B 165 4.35 -16.27 3.31
N LYS B 166 3.30 -16.28 4.09
CA LYS B 166 2.60 -15.06 4.54
C LYS B 166 2.80 -14.99 6.05
N GLU B 167 3.17 -13.85 6.60
CA GLU B 167 3.36 -13.65 8.06
C GLU B 167 2.77 -12.31 8.49
N PRO B 168 2.44 -12.15 9.77
CA PRO B 168 1.88 -10.87 10.20
C PRO B 168 2.91 -9.74 10.09
N VAL B 169 2.45 -8.54 9.78
CA VAL B 169 3.40 -7.42 9.63
C VAL B 169 4.02 -6.92 10.94
N GLY B 170 3.27 -6.95 12.02
CA GLY B 170 3.76 -6.52 13.34
C GLY B 170 2.72 -5.62 13.95
N PRO B 171 3.09 -4.86 14.97
CA PRO B 171 2.14 -4.06 15.67
C PRO B 171 1.51 -2.94 14.83
N VAL B 172 0.19 -2.85 14.96
CA VAL B 172 -0.62 -1.91 14.27
C VAL B 172 -1.00 -0.76 15.17
N ALA B 173 -0.94 0.46 14.62
CA ALA B 173 -1.57 1.65 15.17
C ALA B 173 -2.82 2.03 14.40
N ALA B 174 -3.96 2.13 15.07
CA ALA B 174 -5.19 2.39 14.37
C ALA B 174 -5.85 3.62 14.92
N PHE B 175 -6.59 4.30 14.05
CA PHE B 175 -7.19 5.62 14.39
C PHE B 175 -8.52 5.60 13.77
N THR B 176 -9.57 5.65 14.60
CA THR B 176 -10.95 5.43 14.15
C THR B 176 -11.92 6.56 14.56
N PRO B 177 -12.99 6.81 13.73
CA PRO B 177 -13.88 7.92 13.94
C PRO B 177 -15.18 7.55 14.68
N TRP B 178 -16.02 8.59 14.86
CA TRP B 178 -17.14 8.59 15.79
C TRP B 178 -18.43 8.16 15.14
N ASN B 179 -18.45 8.02 13.83
CA ASN B 179 -19.72 7.82 13.14
C ASN B 179 -20.29 6.39 13.29
N PHE B 180 -19.44 5.39 13.32
CA PHE B 180 -19.85 4.01 13.76
C PHE B 180 -18.80 3.64 14.77
N PRO B 181 -19.03 3.98 16.03
CA PRO B 181 -17.95 3.82 16.98
C PRO B 181 -17.35 2.37 17.07
N VAL B 182 -18.22 1.37 17.00
CA VAL B 182 -17.80 -0.03 17.09
C VAL B 182 -17.34 -0.60 15.74
N ASN B 183 -18.16 -0.42 14.73
CA ASN B 183 -17.82 -0.99 13.40
C ASN B 183 -16.52 -0.43 12.74
N GLN B 184 -16.20 0.83 12.98
CA GLN B 184 -14.98 1.39 12.43
C GLN B 184 -13.76 0.84 13.11
N VAL B 185 -13.93 0.28 14.31
CA VAL B 185 -12.87 -0.44 15.04
C VAL B 185 -12.80 -1.90 14.62
N VAL B 186 -13.95 -2.55 14.57
CA VAL B 186 -13.97 -4.01 14.46
C VAL B 186 -13.35 -4.62 13.17
N ARG B 187 -13.48 -3.99 12.02
CA ARG B 187 -12.83 -4.55 10.82
C ARG B 187 -11.31 -4.59 10.93
N LYS B 188 -10.79 -3.52 11.49
CA LYS B 188 -9.36 -3.29 11.62
C LYS B 188 -8.80 -4.21 12.66
N LEU B 189 -9.53 -4.29 13.78
CA LEU B 189 -9.15 -5.08 14.91
C LEU B 189 -9.20 -6.56 14.49
N SER B 190 -10.25 -6.97 13.77
CA SER B 190 -10.48 -8.36 13.42
C SER B 190 -9.42 -8.80 12.43
N ALA B 191 -9.10 -7.94 11.50
CA ALA B 191 -8.04 -8.19 10.54
C ALA B 191 -6.69 -8.35 11.17
N ALA B 192 -6.34 -7.44 12.08
CA ALA B 192 -5.05 -7.53 12.77
C ALA B 192 -4.93 -8.83 13.58
N LEU B 193 -5.99 -9.18 14.29
CA LEU B 193 -5.88 -10.33 15.17
C LEU B 193 -5.84 -11.65 14.39
N ALA B 194 -6.58 -11.69 13.27
CA ALA B 194 -6.63 -12.90 12.46
C ALA B 194 -5.32 -13.20 11.82
N THR B 195 -4.52 -12.17 11.50
CA THR B 195 -3.21 -12.40 10.87
C THR B 195 -2.09 -12.69 11.91
N GLY B 196 -2.36 -12.34 13.15
CA GLY B 196 -1.45 -12.51 14.26
C GLY B 196 -0.64 -11.28 14.67
N CYS B 197 -1.02 -10.10 14.17
CA CYS B 197 -0.46 -8.83 14.64
C CYS B 197 -1.04 -8.44 16.01
N SER B 198 -0.34 -7.52 16.69
CA SER B 198 -0.95 -6.84 17.78
C SER B 198 -1.57 -5.54 17.27
N PHE B 199 -2.38 -4.91 18.13
CA PHE B 199 -3.26 -3.85 17.75
C PHE B 199 -3.41 -2.79 18.86
N LEU B 200 -3.12 -1.52 18.53
CA LEU B 200 -3.29 -0.42 19.46
C LEU B 200 -4.14 0.62 18.77
N VAL B 201 -5.31 0.92 19.32
CA VAL B 201 -6.22 1.84 18.68
C VAL B 201 -6.50 3.05 19.56
N LYS B 202 -6.58 4.20 18.89
CA LYS B 202 -7.05 5.41 19.46
C LYS B 202 -8.47 5.60 19.00
N ALA B 203 -9.42 5.28 19.86
CA ALA B 203 -10.84 5.35 19.52
C ALA B 203 -11.34 6.79 19.67
N PRO B 204 -12.59 7.09 19.27
CA PRO B 204 -13.04 8.49 19.33
C PRO B 204 -13.39 8.97 20.74
N GLU B 205 -12.83 10.11 21.11
CA GLU B 205 -13.05 10.77 22.41
C GLU B 205 -14.51 11.17 22.64
N GLU B 206 -15.25 11.48 21.56
CA GLU B 206 -16.70 11.80 21.64
C GLU B 206 -17.59 10.61 21.72
N THR B 207 -17.08 9.42 21.36
CA THR B 207 -17.87 8.18 21.49
C THR B 207 -16.99 7.06 22.02
N PRO B 208 -16.53 7.15 23.27
CA PRO B 208 -15.53 6.15 23.75
C PRO B 208 -16.04 4.86 24.37
N ALA B 209 -17.24 4.84 24.90
CA ALA B 209 -17.68 3.71 25.74
C ALA B 209 -18.06 2.48 24.90
N SER B 210 -18.74 2.68 23.79
CA SER B 210 -19.12 1.55 22.96
C SER B 210 -17.84 0.79 22.36
N PRO B 211 -16.85 1.54 21.84
CA PRO B 211 -15.68 0.81 21.43
C PRO B 211 -14.96 0.19 22.55
N ALA B 212 -14.91 0.84 23.72
CA ALA B 212 -14.24 0.22 24.87
C ALA B 212 -14.94 -1.12 25.26
N ALA B 213 -16.25 -1.16 25.17
CA ALA B 213 -16.99 -2.38 25.41
C ALA B 213 -16.66 -3.47 24.37
N LEU B 214 -16.50 -3.11 23.12
CA LEU B 214 -16.01 -4.05 22.10
C LEU B 214 -14.62 -4.63 22.52
N LEU B 215 -13.69 -3.79 22.91
CA LEU B 215 -12.40 -4.29 23.34
C LEU B 215 -12.48 -5.19 24.58
N ARG B 216 -13.39 -4.81 25.50
CA ARG B 216 -13.59 -5.58 26.72
C ARG B 216 -14.06 -7.01 26.46
N ALA B 217 -14.86 -7.21 25.42
CA ALA B 217 -15.28 -8.54 25.01
C ALA B 217 -14.08 -9.41 24.59
N PHE B 218 -13.17 -8.82 23.83
CA PHE B 218 -11.95 -9.51 23.47
C PHE B 218 -11.07 -9.89 24.65
N VAL B 219 -10.98 -9.00 25.67
CA VAL B 219 -10.22 -9.31 26.92
C VAL B 219 -10.94 -10.43 27.63
N ASP B 220 -12.25 -10.33 27.72
CA ASP B 220 -13.00 -11.32 28.45
C ASP B 220 -12.92 -12.69 27.77
N ALA B 221 -12.75 -12.74 26.43
CA ALA B 221 -12.71 -13.97 25.67
C ALA B 221 -11.36 -14.61 25.71
N GLY B 222 -10.35 -13.92 26.23
CA GLY B 222 -9.03 -14.50 26.41
C GLY B 222 -7.93 -13.89 25.56
N VAL B 223 -8.15 -12.83 24.78
CA VAL B 223 -7.02 -12.25 24.04
C VAL B 223 -5.97 -11.79 25.07
N PRO B 224 -4.69 -12.27 24.99
CA PRO B 224 -3.69 -11.93 26.01
C PRO B 224 -3.31 -10.48 26.15
N ALA B 225 -2.86 -10.15 27.36
CA ALA B 225 -2.20 -8.88 27.69
C ALA B 225 -1.23 -8.35 26.63
N GLY B 226 -1.49 -7.14 26.12
CA GLY B 226 -0.57 -6.46 25.19
C GLY B 226 -1.04 -6.58 23.73
N VAL B 227 -1.81 -7.60 23.41
CA VAL B 227 -2.23 -7.84 22.05
C VAL B 227 -3.20 -6.79 21.52
N ILE B 228 -3.99 -6.25 22.44
CA ILE B 228 -4.89 -5.16 22.14
C ILE B 228 -4.61 -4.05 23.17
N GLY B 229 -4.65 -2.81 22.71
CA GLY B 229 -4.64 -1.64 23.56
C GLY B 229 -5.61 -0.59 23.03
N LEU B 230 -6.05 0.28 23.93
CA LEU B 230 -7.05 1.28 23.62
C LEU B 230 -6.66 2.56 24.32
N VAL B 231 -6.40 3.59 23.52
CA VAL B 231 -6.16 4.92 24.07
C VAL B 231 -7.15 5.98 23.54
N TYR B 232 -7.23 7.08 24.27
CA TYR B 232 -7.95 8.29 23.87
C TYR B 232 -7.10 9.48 24.31
N GLY B 233 -7.37 10.65 23.76
CA GLY B 233 -6.74 11.88 24.26
C GLY B 233 -6.74 12.93 23.18
N ASP B 234 -5.60 13.52 22.86
CA ASP B 234 -5.51 14.54 21.79
C ASP B 234 -5.13 13.79 20.49
N PRO B 235 -6.00 13.76 19.47
CA PRO B 235 -5.70 12.86 18.35
C PRO B 235 -4.39 13.11 17.63
N ALA B 236 -4.12 14.38 17.37
CA ALA B 236 -2.91 14.78 16.69
C ALA B 236 -1.63 14.45 17.52
N GLU B 237 -1.61 14.67 18.82
CA GLU B 237 -0.43 14.27 19.62
C GLU B 237 -0.25 12.71 19.58
N ILE B 238 -1.35 11.97 19.54
CA ILE B 238 -1.26 10.50 19.62
C ILE B 238 -0.75 9.96 18.31
N SER B 239 -1.32 10.46 17.22
CA SER B 239 -0.91 9.96 15.92
C SER B 239 0.47 10.45 15.56
N SER B 240 0.89 11.60 16.09
CA SER B 240 2.26 12.11 15.85
C SER B 240 3.29 11.33 16.57
N TYR B 241 2.94 10.77 17.73
CA TYR B 241 3.89 9.96 18.48
C TYR B 241 3.90 8.50 17.98
N LEU B 242 2.72 7.91 17.81
CA LEU B 242 2.58 6.51 17.38
C LEU B 242 3.12 6.18 15.99
N ILE B 243 2.76 7.00 15.00
CA ILE B 243 3.15 6.69 13.62
C ILE B 243 4.67 6.58 13.38
N PRO B 244 5.50 7.47 13.96
CA PRO B 244 6.97 7.37 13.77
C PRO B 244 7.72 6.39 14.71
N HIS B 245 7.02 5.75 15.65
CA HIS B 245 7.68 5.01 16.68
C HIS B 245 8.16 3.69 16.16
N PRO B 246 9.37 3.26 16.54
CA PRO B 246 9.86 2.02 15.91
C PRO B 246 9.08 0.72 16.19
N VAL B 247 8.24 0.67 17.21
CA VAL B 247 7.42 -0.52 17.47
C VAL B 247 6.32 -0.68 16.42
N ILE B 248 5.77 0.42 15.92
CA ILE B 248 4.63 0.36 15.01
C ILE B 248 5.15 0.02 13.61
N ARG B 249 4.56 -1.01 13.01
CA ARG B 249 4.94 -1.40 11.66
C ARG B 249 3.77 -1.11 10.68
N LYS B 250 2.57 -0.85 11.15
CA LYS B 250 1.45 -0.60 10.21
C LYS B 250 0.45 0.37 10.85
N VAL B 251 0.03 1.32 10.02
CA VAL B 251 -0.88 2.37 10.36
C VAL B 251 -2.19 2.13 9.60
N THR B 252 -3.33 2.32 10.26
CA THR B 252 -4.60 2.34 9.57
C THR B 252 -5.45 3.52 10.10
N PHE B 253 -6.07 4.28 9.17
CA PHE B 253 -6.87 5.47 9.51
C PHE B 253 -8.16 5.48 8.71
N THR B 254 -9.26 5.75 9.40
CA THR B 254 -10.51 6.02 8.78
C THR B 254 -10.91 7.42 9.23
N GLY B 255 -11.20 8.28 8.27
CA GLY B 255 -11.54 9.65 8.58
C GLY B 255 -11.68 10.53 7.35
N SER B 256 -11.36 11.80 7.52
CA SER B 256 -11.44 12.79 6.45
C SER B 256 -10.24 12.72 5.53
N THR B 257 -10.47 13.17 4.32
CA THR B 257 -9.42 13.21 3.33
C THR B 257 -8.23 14.12 3.77
N PRO B 258 -8.51 15.34 4.28
CA PRO B 258 -7.38 16.19 4.65
C PRO B 258 -6.50 15.66 5.81
N VAL B 259 -7.09 15.05 6.82
CA VAL B 259 -6.33 14.43 7.91
C VAL B 259 -5.63 13.17 7.39
N GLY B 260 -6.28 12.44 6.48
CA GLY B 260 -5.66 11.28 5.86
C GLY B 260 -4.40 11.57 5.11
N LYS B 261 -4.41 12.68 4.39
CA LYS B 261 -3.25 13.11 3.66
C LYS B 261 -2.12 13.50 4.62
N GLN B 262 -2.42 14.22 5.71
CA GLN B 262 -1.35 14.51 6.69
C GLN B 262 -0.78 13.19 7.26
N LEU B 263 -1.64 12.23 7.62
CA LEU B 263 -1.20 10.97 8.24
C LEU B 263 -0.46 10.07 7.28
N ALA B 264 -0.90 9.99 6.03
CA ALA B 264 -0.20 9.18 5.05
C ALA B 264 1.13 9.82 4.73
N SER B 265 1.18 11.14 4.71
CA SER B 265 2.43 11.83 4.54
C SER B 265 3.43 11.49 5.64
N LEU B 266 3.02 11.50 6.89
CA LEU B 266 3.92 11.14 8.01
C LEU B 266 4.31 9.66 8.00
N ALA B 267 3.34 8.80 7.70
CA ALA B 267 3.62 7.39 7.57
C ALA B 267 4.65 7.11 6.48
N GLY B 268 4.55 7.81 5.35
CA GLY B 268 5.56 7.66 4.33
C GLY B 268 6.93 8.17 4.73
N LEU B 269 6.98 9.34 5.40
CA LEU B 269 8.24 9.86 5.94
C LEU B 269 8.96 8.86 6.88
N HIS B 270 8.19 8.04 7.54
CA HIS B 270 8.74 7.01 8.42
C HIS B 270 8.68 5.60 7.87
N MET B 271 8.48 5.49 6.56
CA MET B 271 8.36 4.22 5.83
C MET B 271 7.51 3.13 6.53
N LYS B 272 6.30 3.52 6.95
CA LYS B 272 5.31 2.63 7.52
C LYS B 272 4.29 2.25 6.51
N ARG B 273 3.93 0.97 6.50
CA ARG B 273 2.73 0.47 5.85
C ARG B 273 1.49 1.20 6.35
N ALA B 274 0.62 1.59 5.41
CA ALA B 274 -0.52 2.44 5.72
C ALA B 274 -1.69 2.10 4.81
N THR B 275 -2.89 2.01 5.36
CA THR B 275 -4.10 1.98 4.59
C THR B 275 -5.00 3.06 5.19
N MET B 276 -5.99 3.52 4.44
CA MET B 276 -6.77 4.76 4.68
C MET B 276 -8.16 4.61 4.06
N GLU B 277 -9.23 4.78 4.83
CA GLU B 277 -10.58 4.88 4.25
C GLU B 277 -11.01 6.33 4.52
N LEU B 278 -11.12 7.11 3.46
CA LEU B 278 -11.27 8.56 3.59
C LEU B 278 -12.65 9.04 3.18
N GLY B 279 -12.80 10.28 2.73
CA GLY B 279 -14.15 10.66 2.28
C GLY B 279 -14.69 9.88 1.08
N GLY B 280 -16.03 9.73 1.02
CA GLY B 280 -16.77 9.42 -0.23
C GLY B 280 -17.69 10.57 -0.66
N HIS B 281 -18.25 10.45 -1.86
CA HIS B 281 -19.24 11.37 -2.34
C HIS B 281 -20.13 10.59 -3.29
N ALA B 282 -20.94 9.71 -2.75
CA ALA B 282 -21.57 8.71 -3.60
C ALA B 282 -22.58 9.25 -4.62
N PRO B 283 -22.35 8.98 -5.91
CA PRO B 283 -23.39 9.19 -6.92
C PRO B 283 -24.43 8.09 -6.89
N VAL B 284 -25.63 8.47 -7.31
CA VAL B 284 -26.75 7.58 -7.48
C VAL B 284 -27.34 7.87 -8.86
N ILE B 285 -27.26 6.91 -9.75
CA ILE B 285 -27.65 7.09 -11.12
C ILE B 285 -28.94 6.34 -11.22
N VAL B 286 -30.04 7.06 -11.39
CA VAL B 286 -31.35 6.48 -11.57
C VAL B 286 -31.67 6.61 -13.09
N ALA B 287 -31.55 5.51 -13.80
CA ALA B 287 -31.62 5.51 -15.25
C ALA B 287 -33.06 5.51 -15.70
N GLU B 288 -33.21 5.85 -16.98
CA GLU B 288 -34.51 5.94 -17.67
C GLU B 288 -35.43 4.77 -17.38
N ASP B 289 -34.86 3.56 -17.26
CA ASP B 289 -35.61 2.31 -17.13
C ASP B 289 -35.73 1.90 -15.67
N ALA B 290 -35.33 2.76 -14.72
CA ALA B 290 -35.34 2.37 -13.31
C ALA B 290 -36.73 2.04 -12.79
N ASP B 291 -36.78 1.13 -11.83
CA ASP B 291 -37.95 1.01 -10.93
C ASP B 291 -37.86 2.15 -9.89
N VAL B 292 -38.72 3.15 -10.07
CA VAL B 292 -38.58 4.41 -9.37
C VAL B 292 -38.88 4.24 -7.89
N ALA B 293 -40.03 3.61 -7.59
CA ALA B 293 -40.38 3.27 -6.18
C ALA B 293 -39.25 2.52 -5.48
N LEU B 294 -38.59 1.58 -6.19
CA LEU B 294 -37.43 0.82 -5.62
C LEU B 294 -36.26 1.74 -5.34
N ALA B 295 -36.01 2.68 -6.24
CA ALA B 295 -34.93 3.65 -6.08
C ALA B 295 -35.15 4.54 -4.85
N VAL B 296 -36.38 5.02 -4.66
CA VAL B 296 -36.69 5.89 -3.53
C VAL B 296 -36.55 5.14 -2.23
N LYS B 297 -37.08 3.93 -2.20
CA LYS B 297 -36.99 3.11 -1.02
C LYS B 297 -35.54 2.69 -0.69
N ALA B 298 -34.80 2.27 -1.70
CA ALA B 298 -33.44 1.80 -1.45
C ALA B 298 -32.53 2.99 -1.16
N ALA B 299 -32.41 3.88 -2.12
CA ALA B 299 -31.48 5.01 -1.95
C ALA B 299 -31.94 6.04 -0.96
N GLY B 300 -33.24 6.23 -0.81
CA GLY B 300 -33.82 7.10 0.23
C GLY B 300 -33.59 6.54 1.63
N GLY B 301 -33.87 5.27 1.85
CA GLY B 301 -33.58 4.67 3.15
C GLY B 301 -32.10 4.71 3.51
N ALA B 302 -31.23 4.47 2.52
CA ALA B 302 -29.79 4.49 2.73
C ALA B 302 -29.26 5.89 3.02
N LYS B 303 -29.89 6.92 2.44
CA LYS B 303 -29.47 8.30 2.71
C LYS B 303 -29.61 8.66 4.19
N PHE B 304 -30.74 8.34 4.79
CA PHE B 304 -30.98 8.79 6.16
C PHE B 304 -30.51 7.88 7.27
N ARG B 305 -29.88 6.75 6.88
CA ARG B 305 -29.20 5.86 7.78
C ARG B 305 -28.07 6.60 8.49
N ASN B 306 -28.08 6.49 9.81
CA ASN B 306 -27.12 7.18 10.70
C ASN B 306 -27.06 8.70 10.41
N ALA B 307 -28.24 9.20 10.07
CA ALA B 307 -28.48 10.55 9.63
C ALA B 307 -27.51 11.04 8.53
N GLY B 308 -27.20 10.14 7.58
CA GLY B 308 -26.31 10.45 6.48
C GLY B 308 -24.85 10.55 6.85
N GLN B 309 -24.50 10.23 8.08
CA GLN B 309 -23.12 10.36 8.56
C GLN B 309 -22.32 9.12 8.27
N VAL B 310 -22.19 8.83 7.00
CA VAL B 310 -21.66 7.54 6.51
C VAL B 310 -20.78 7.88 5.30
N CYS B 311 -19.61 7.26 5.23
CA CYS B 311 -18.67 7.45 4.15
C CYS B 311 -19.26 6.97 2.78
N ILE B 312 -20.27 6.11 2.77
CA ILE B 312 -20.88 5.57 1.52
C ILE B 312 -22.33 6.09 1.33
N SER B 313 -22.69 7.13 2.07
CA SER B 313 -24.08 7.59 2.02
C SER B 313 -24.36 8.20 0.64
N PRO B 314 -25.47 7.77 0.02
CA PRO B 314 -25.91 8.33 -1.25
C PRO B 314 -26.04 9.83 -1.16
N THR B 315 -25.40 10.57 -2.03
CA THR B 315 -25.38 12.05 -1.89
C THR B 315 -25.83 12.79 -3.16
N ARG B 316 -25.21 12.49 -4.29
CA ARG B 316 -25.53 13.16 -5.57
C ARG B 316 -26.45 12.29 -6.38
N PHE B 317 -27.71 12.62 -6.35
CA PHE B 317 -28.75 11.83 -7.01
C PHE B 317 -28.93 12.35 -8.41
N LEU B 318 -28.43 11.56 -9.38
CA LEU B 318 -28.49 11.90 -10.79
C LEU B 318 -29.65 11.13 -11.40
N VAL B 319 -30.68 11.87 -11.79
CA VAL B 319 -31.96 11.23 -12.10
C VAL B 319 -32.38 11.56 -13.53
N HIS B 320 -32.69 10.54 -14.28
CA HIS B 320 -33.12 10.77 -15.66
C HIS B 320 -34.35 11.71 -15.71
N ASN B 321 -34.31 12.69 -16.61
CA ASN B 321 -35.31 13.79 -16.63
C ASN B 321 -36.75 13.28 -16.77
N SER B 322 -36.98 12.19 -17.48
CA SER B 322 -38.33 11.60 -17.57
C SER B 322 -38.97 11.27 -16.24
N ILE B 323 -38.17 10.97 -15.21
CA ILE B 323 -38.71 10.51 -13.92
C ILE B 323 -38.20 11.37 -12.74
N ARG B 324 -37.40 12.38 -13.03
CA ARG B 324 -36.89 13.29 -12.02
C ARG B 324 -37.97 13.84 -11.08
N ASP B 325 -39.08 14.30 -11.64
CA ASP B 325 -40.11 14.97 -10.82
C ASP B 325 -40.81 13.95 -9.91
N GLU B 326 -41.25 12.85 -10.48
CA GLU B 326 -41.78 11.73 -9.68
C GLU B 326 -40.81 11.25 -8.55
N PHE B 327 -39.53 11.10 -8.87
CA PHE B 327 -38.51 10.66 -7.88
C PHE B 327 -38.37 11.65 -6.74
N THR B 328 -38.21 12.92 -7.11
CA THR B 328 -38.03 14.00 -6.18
C THR B 328 -39.19 14.07 -5.21
N ARG B 329 -40.42 13.95 -5.71
CA ARG B 329 -41.58 14.06 -4.87
C ARG B 329 -41.63 12.87 -3.93
N ALA B 330 -41.25 11.69 -4.40
CA ALA B 330 -41.35 10.52 -3.54
C ALA B 330 -40.24 10.54 -2.54
N LEU B 331 -39.07 11.06 -2.90
CA LEU B 331 -37.97 11.14 -1.91
C LEU B 331 -38.34 12.14 -0.78
N VAL B 332 -38.99 13.25 -1.18
CA VAL B 332 -39.46 14.25 -0.22
C VAL B 332 -40.43 13.58 0.80
N LYS B 333 -41.43 12.81 0.32
CA LYS B 333 -42.32 12.08 1.25
C LYS B 333 -41.60 11.08 2.16
N HIS B 334 -40.55 10.42 1.66
CA HIS B 334 -39.75 9.54 2.49
C HIS B 334 -39.09 10.32 3.63
N ALA B 335 -38.44 11.44 3.33
CA ALA B 335 -37.85 12.29 4.38
C ALA B 335 -38.87 12.81 5.39
N GLU B 336 -40.04 13.20 4.89
CA GLU B 336 -41.11 13.71 5.77
C GLU B 336 -41.70 12.66 6.68
N GLY B 337 -41.55 11.38 6.35
CA GLY B 337 -42.02 10.27 7.21
C GLY B 337 -41.13 9.89 8.38
N LEU B 338 -39.88 10.38 8.40
CA LEU B 338 -38.94 10.08 9.46
C LEU B 338 -39.36 10.81 10.73
N LYS B 339 -39.16 10.16 11.89
CA LYS B 339 -39.52 10.72 13.19
C LYS B 339 -38.19 11.10 13.79
N VAL B 340 -38.02 12.39 14.00
CA VAL B 340 -36.79 12.93 14.55
C VAL B 340 -36.94 12.99 16.08
N GLY B 341 -35.88 12.64 16.80
CA GLY B 341 -35.90 12.67 18.27
C GLY B 341 -34.75 11.94 18.94
N ASN B 342 -34.75 11.95 20.26
CA ASN B 342 -33.80 11.24 21.08
C ASN B 342 -33.76 9.77 20.65
N GLY B 343 -32.55 9.27 20.43
CA GLY B 343 -32.36 7.90 19.98
C GLY B 343 -32.80 6.80 20.91
N LEU B 344 -32.97 7.08 22.21
CA LEU B 344 -33.55 6.09 23.17
C LEU B 344 -35.08 5.96 23.08
N GLU B 345 -35.76 6.99 22.60
CA GLU B 345 -37.22 6.91 22.55
C GLU B 345 -37.67 6.06 21.37
N GLU B 346 -38.59 5.12 21.59
CA GLU B 346 -39.01 4.26 20.49
C GLU B 346 -39.87 5.08 19.57
N GLY B 347 -39.88 4.62 18.31
CA GLY B 347 -40.42 5.41 17.21
C GLY B 347 -39.37 6.25 16.49
N THR B 348 -38.36 6.79 17.21
CA THR B 348 -37.27 7.53 16.61
C THR B 348 -36.62 6.78 15.42
N THR B 349 -36.68 7.38 14.23
CA THR B 349 -35.95 6.88 13.08
C THR B 349 -34.78 7.76 12.61
N LEU B 350 -34.63 8.96 13.16
CA LEU B 350 -33.53 9.86 12.84
C LEU B 350 -33.17 10.60 14.16
N GLY B 351 -31.97 10.37 14.65
CA GLY B 351 -31.56 10.93 15.92
C GLY B 351 -30.84 12.22 15.72
N ALA B 352 -30.25 12.68 16.82
CA ALA B 352 -29.32 13.82 16.82
C ALA B 352 -28.13 13.55 15.90
N LEU B 353 -27.62 14.59 15.26
CA LEU B 353 -26.31 14.52 14.65
C LEU B 353 -25.31 14.42 15.80
N ALA B 354 -24.16 13.88 15.48
CA ALA B 354 -23.24 13.36 16.49
C ALA B 354 -22.52 14.43 17.29
N ASN B 355 -22.41 15.62 16.73
CA ASN B 355 -21.73 16.67 17.44
C ASN B 355 -22.12 18.05 16.88
N PRO B 356 -21.79 19.13 17.60
CA PRO B 356 -22.30 20.44 17.16
C PRO B 356 -21.69 20.91 15.83
N ARG B 357 -20.43 20.61 15.57
CA ARG B 357 -19.85 20.90 14.25
C ARG B 357 -20.65 20.40 13.02
N ARG B 358 -21.32 19.26 13.19
CA ARG B 358 -22.14 18.69 12.13
C ARG B 358 -23.39 19.54 11.86
N LEU B 359 -23.93 20.20 12.89
CA LEU B 359 -25.02 21.13 12.79
C LEU B 359 -24.65 22.38 12.00
N THR B 360 -23.56 23.02 12.40
CA THR B 360 -22.94 24.11 11.64
C THR B 360 -22.62 23.75 10.20
N ALA B 361 -22.08 22.56 9.99
CA ALA B 361 -21.75 22.08 8.65
C ALA B 361 -23.05 21.98 7.83
N MET B 362 -24.13 21.47 8.41
CA MET B 362 -25.38 21.42 7.67
C MET B 362 -25.95 22.82 7.29
N ALA B 363 -25.98 23.76 8.23
CA ALA B 363 -26.44 25.11 7.92
C ALA B 363 -25.60 25.69 6.76
N SER B 364 -24.28 25.56 6.82
CA SER B 364 -23.42 26.07 5.76
C SER B 364 -23.81 25.48 4.39
N VAL B 365 -24.10 24.19 4.38
CA VAL B 365 -24.46 23.50 3.14
C VAL B 365 -25.80 24.01 2.57
N ILE B 366 -26.79 24.09 3.45
CA ILE B 366 -28.09 24.65 3.10
C ILE B 366 -27.99 26.16 2.66
N ASP B 367 -27.25 26.99 3.38
CA ASP B 367 -27.11 28.40 3.00
C ASP B 367 -26.53 28.50 1.60
N ASN B 368 -25.53 27.65 1.33
CA ASN B 368 -24.86 27.71 0.05
C ASN B 368 -25.82 27.23 -1.05
N ALA B 369 -26.59 26.18 -0.80
CA ALA B 369 -27.56 25.75 -1.79
C ALA B 369 -28.50 26.90 -2.15
N ARG B 370 -29.01 27.61 -1.18
CA ARG B 370 -29.95 28.67 -1.49
C ARG B 370 -29.30 29.81 -2.28
N LYS B 371 -28.10 30.16 -1.90
CA LYS B 371 -27.36 31.23 -2.54
C LYS B 371 -27.11 30.92 -4.06
N VAL B 372 -26.78 29.66 -4.38
CA VAL B 372 -26.48 29.27 -5.74
C VAL B 372 -27.72 28.91 -6.54
N GLY B 373 -28.93 29.18 -6.02
CA GLY B 373 -30.17 29.00 -6.80
C GLY B 373 -30.86 27.64 -6.73
N ALA B 374 -30.44 26.73 -5.84
CA ALA B 374 -31.12 25.43 -5.70
C ALA B 374 -32.39 25.59 -4.91
N SER B 375 -33.27 24.58 -4.96
CA SER B 375 -34.51 24.64 -4.18
C SER B 375 -34.52 23.64 -3.00
N ILE B 376 -34.80 24.12 -1.79
CA ILE B 376 -34.97 23.26 -0.61
C ILE B 376 -36.40 22.65 -0.63
N GLU B 377 -36.52 21.38 -1.02
CA GLU B 377 -37.81 20.76 -1.19
C GLU B 377 -38.42 20.38 0.14
N THR B 378 -37.60 20.14 1.17
CA THR B 378 -38.12 19.85 2.51
C THR B 378 -36.94 19.92 3.49
N GLY B 379 -37.25 20.18 4.76
CA GLY B 379 -36.23 20.28 5.77
C GLY B 379 -35.43 21.54 5.62
N GLY B 380 -34.16 21.49 5.95
CA GLY B 380 -33.30 22.61 5.78
C GLY B 380 -33.00 23.38 7.04
N GLU B 381 -33.56 22.96 8.17
CA GLU B 381 -33.41 23.75 9.42
C GLU B 381 -33.09 22.83 10.55
N ARG B 382 -32.36 23.39 11.53
CA ARG B 382 -32.39 22.90 12.89
C ARG B 382 -33.82 22.72 13.45
N ILE B 383 -33.99 21.68 14.26
CA ILE B 383 -35.22 21.45 15.00
C ILE B 383 -34.86 21.64 16.46
N GLY B 384 -35.47 22.64 17.13
CA GLY B 384 -35.31 22.87 18.56
C GLY B 384 -34.09 23.71 18.80
N SER B 385 -33.77 23.95 20.08
CA SER B 385 -32.57 24.74 20.48
C SER B 385 -31.61 23.97 21.36
N GLU B 386 -31.96 22.72 21.64
CA GLU B 386 -31.13 21.84 22.47
C GLU B 386 -30.67 20.64 21.63
N GLY B 387 -29.42 20.20 21.78
CA GLY B 387 -28.94 19.02 21.02
C GLY B 387 -28.70 19.32 19.52
N ASN B 388 -28.40 18.31 18.71
CA ASN B 388 -27.91 18.56 17.36
C ASN B 388 -28.92 18.00 16.36
N PHE B 389 -30.18 18.42 16.46
CA PHE B 389 -31.22 17.92 15.57
C PHE B 389 -31.35 18.79 14.30
N PHE B 390 -31.15 18.17 13.13
CA PHE B 390 -31.37 18.81 11.83
C PHE B 390 -32.40 18.01 11.07
N ALA B 391 -33.30 18.69 10.41
CA ALA B 391 -34.38 18.02 9.65
C ALA B 391 -33.86 17.27 8.42
N PRO B 392 -34.46 16.14 8.11
CA PRO B 392 -34.09 15.51 6.86
C PRO B 392 -34.42 16.40 5.64
N THR B 393 -33.42 16.61 4.80
CA THR B 393 -33.46 17.63 3.78
C THR B 393 -33.25 17.07 2.42
N VAL B 394 -34.04 17.54 1.45
CA VAL B 394 -33.87 17.19 0.02
C VAL B 394 -33.74 18.51 -0.74
N ILE B 395 -32.72 18.58 -1.59
CA ILE B 395 -32.39 19.78 -2.35
C ILE B 395 -32.50 19.37 -3.80
N ALA B 396 -33.23 20.12 -4.64
CA ALA B 396 -33.26 19.88 -6.12
C ALA B 396 -32.76 21.11 -6.94
N ASN B 397 -32.69 20.97 -8.28
CA ASN B 397 -32.21 22.05 -9.15
C ASN B 397 -30.80 22.47 -8.72
N VAL B 398 -29.95 21.49 -8.45
CA VAL B 398 -28.66 21.78 -7.87
C VAL B 398 -27.63 22.07 -8.95
N PRO B 399 -27.01 23.25 -8.94
CA PRO B 399 -25.98 23.41 -9.97
C PRO B 399 -24.72 22.65 -9.59
N LEU B 400 -23.82 22.46 -10.56
CA LEU B 400 -22.59 21.72 -10.33
C LEU B 400 -21.64 22.37 -9.42
N ASP B 401 -21.75 23.66 -9.22
CA ASP B 401 -20.85 24.34 -8.30
C ASP B 401 -21.41 24.45 -6.86
N ALA B 402 -22.56 23.85 -6.51
CA ALA B 402 -22.98 23.88 -5.09
C ALA B 402 -22.01 23.04 -4.23
N ASP B 403 -21.73 23.53 -3.01
CA ASP B 403 -20.95 22.81 -2.03
C ASP B 403 -21.47 21.36 -1.85
N VAL B 404 -22.79 21.16 -1.78
CA VAL B 404 -23.32 19.83 -1.62
C VAL B 404 -22.94 18.84 -2.74
N PHE B 405 -22.71 19.34 -3.95
CA PHE B 405 -22.19 18.55 -5.08
C PHE B 405 -20.70 18.52 -5.23
N ASN B 406 -19.95 19.03 -4.26
CA ASN B 406 -18.47 19.00 -4.34
C ASN B 406 -17.78 18.51 -3.06
N ASN B 407 -18.22 18.99 -1.91
CA ASN B 407 -17.69 18.59 -0.61
C ASN B 407 -18.63 17.58 -0.02
N GLU B 408 -18.10 16.62 0.74
CA GLU B 408 -18.90 15.52 1.30
C GLU B 408 -19.72 16.13 2.46
N PRO B 409 -21.06 16.19 2.35
CA PRO B 409 -21.81 16.80 3.42
C PRO B 409 -21.89 16.01 4.74
N PHE B 410 -21.91 14.69 4.68
CA PHE B 410 -21.94 13.80 5.86
C PHE B 410 -23.07 14.16 6.82
N GLY B 411 -24.26 14.31 6.28
CA GLY B 411 -25.40 14.76 7.06
C GLY B 411 -26.68 14.46 6.31
N PRO B 412 -27.83 14.80 6.91
CA PRO B 412 -29.11 14.27 6.37
C PRO B 412 -29.64 15.09 5.16
N VAL B 413 -28.84 15.10 4.08
CA VAL B 413 -29.09 15.95 2.90
C VAL B 413 -28.91 15.17 1.63
N ALA B 414 -29.95 15.07 0.81
CA ALA B 414 -29.88 14.55 -0.55
C ALA B 414 -30.01 15.68 -1.56
N ALA B 415 -29.21 15.63 -2.61
CA ALA B 415 -29.17 16.67 -3.62
C ALA B 415 -29.48 16.02 -4.96
N ILE B 416 -30.48 16.52 -5.66
CA ILE B 416 -30.94 15.94 -6.87
C ILE B 416 -30.62 16.81 -8.08
N ARG B 417 -30.23 16.17 -9.17
CA ARG B 417 -29.99 16.79 -10.42
C ARG B 417 -30.40 15.84 -11.56
N GLY B 418 -31.03 16.38 -12.58
CA GLY B 418 -31.38 15.62 -13.75
C GLY B 418 -30.29 15.47 -14.78
N PHE B 419 -30.48 14.47 -15.63
CA PHE B 419 -29.69 14.26 -16.83
C PHE B 419 -30.57 13.65 -17.95
N ASP B 420 -30.13 13.73 -19.20
CA ASP B 420 -30.81 13.10 -20.36
C ASP B 420 -30.05 11.84 -20.82
N LYS B 421 -28.73 11.90 -21.00
CA LYS B 421 -27.97 10.75 -21.49
C LYS B 421 -27.17 10.05 -20.37
N LEU B 422 -27.27 8.72 -20.32
CA LEU B 422 -26.54 7.93 -19.31
C LEU B 422 -25.02 8.27 -19.24
N GLU B 423 -24.46 8.64 -20.38
CA GLU B 423 -23.03 8.95 -20.48
C GLU B 423 -22.63 10.23 -19.71
N GLU B 424 -23.57 11.19 -19.60
CA GLU B 424 -23.35 12.43 -18.88
C GLU B 424 -23.52 12.21 -17.34
N ALA B 425 -24.41 11.32 -16.92
CA ALA B 425 -24.48 10.89 -15.52
C ALA B 425 -23.21 10.20 -15.11
N ILE B 426 -22.66 9.37 -16.00
CA ILE B 426 -21.43 8.68 -15.68
C ILE B 426 -20.28 9.67 -15.57
N ALA B 427 -20.17 10.65 -16.47
CA ALA B 427 -19.12 11.70 -16.37
C ALA B 427 -19.21 12.57 -15.07
N GLU B 428 -20.43 12.92 -14.68
CA GLU B 428 -20.66 13.58 -13.44
C GLU B 428 -20.26 12.68 -12.27
N ALA B 429 -20.65 11.43 -12.31
CA ALA B 429 -20.29 10.53 -11.21
C ALA B 429 -18.76 10.40 -10.98
N ASN B 430 -17.99 10.54 -12.04
CA ASN B 430 -16.50 10.50 -11.97
C ASN B 430 -15.79 11.85 -11.87
N ARG B 431 -16.57 12.94 -11.78
CA ARG B 431 -15.99 14.29 -11.84
C ARG B 431 -15.18 14.60 -10.60
N LEU B 432 -15.57 14.12 -9.43
CA LEU B 432 -14.86 14.51 -8.21
C LEU B 432 -13.68 13.56 -7.87
N PRO B 433 -12.73 14.02 -7.06
CA PRO B 433 -11.64 13.15 -6.63
C PRO B 433 -12.05 12.09 -5.62
N PHE B 434 -13.25 12.16 -5.05
CA PHE B 434 -13.76 11.07 -4.25
C PHE B 434 -14.21 9.89 -5.15
N GLY B 435 -14.23 8.71 -4.58
CA GLY B 435 -14.68 7.55 -5.27
C GLY B 435 -14.64 6.38 -4.29
N LEU B 436 -15.73 6.21 -3.58
CA LEU B 436 -15.79 5.23 -2.58
C LEU B 436 -16.96 4.41 -2.95
N ALA B 437 -18.19 4.88 -2.64
CA ALA B 437 -19.36 4.18 -3.08
C ALA B 437 -20.06 4.84 -4.25
N GLY B 438 -20.75 4.01 -5.05
CA GLY B 438 -21.63 4.43 -6.15
C GLY B 438 -22.88 3.58 -6.11
N TYR B 439 -24.01 4.12 -6.58
CA TYR B 439 -25.29 3.42 -6.63
C TYR B 439 -25.92 3.61 -7.98
N ALA B 440 -26.71 2.66 -8.43
CA ALA B 440 -27.48 2.86 -9.59
C ALA B 440 -28.75 2.05 -9.55
N PHE B 441 -29.68 2.41 -10.42
CA PHE B 441 -30.94 1.73 -10.59
C PHE B 441 -31.25 1.68 -12.08
N THR B 442 -31.44 0.49 -12.58
CA THR B 442 -31.56 0.22 -14.01
C THR B 442 -31.97 -1.28 -14.14
N ARG B 443 -32.47 -1.69 -15.31
CA ARG B 443 -32.88 -3.06 -15.55
C ARG B 443 -32.12 -3.81 -16.65
N SER B 444 -31.51 -3.11 -17.57
CA SER B 444 -30.85 -3.72 -18.72
C SER B 444 -29.43 -4.24 -18.41
N PHE B 445 -29.10 -5.38 -18.99
CA PHE B 445 -27.78 -5.94 -18.82
C PHE B 445 -26.74 -4.97 -19.36
N ALA B 446 -27.00 -4.32 -20.49
CA ALA B 446 -25.96 -3.40 -21.04
C ALA B 446 -25.67 -2.26 -20.08
N ASN B 447 -26.65 -1.74 -19.37
CA ASN B 447 -26.41 -0.65 -18.44
C ASN B 447 -25.63 -1.13 -17.21
N VAL B 448 -25.98 -2.30 -16.71
CA VAL B 448 -25.18 -2.88 -15.61
C VAL B 448 -23.70 -2.94 -16.03
N HIS B 449 -23.47 -3.49 -17.20
CA HIS B 449 -22.12 -3.75 -17.66
C HIS B 449 -21.35 -2.44 -17.87
N LEU B 450 -21.99 -1.49 -18.56
CA LEU B 450 -21.41 -0.18 -18.76
C LEU B 450 -21.05 0.49 -17.39
N LEU B 451 -21.98 0.45 -16.45
CA LEU B 451 -21.76 1.09 -15.14
C LEU B 451 -20.66 0.38 -14.38
N THR B 452 -20.68 -0.93 -14.47
CA THR B 452 -19.65 -1.71 -13.84
C THR B 452 -18.26 -1.31 -14.35
N GLN B 453 -18.08 -1.22 -15.66
CA GLN B 453 -16.77 -0.82 -16.22
C GLN B 453 -16.39 0.64 -15.93
N ARG B 454 -17.36 1.55 -15.95
CA ARG B 454 -17.02 2.97 -16.14
C ARG B 454 -16.98 3.80 -14.87
N LEU B 455 -17.75 3.39 -13.84
CA LEU B 455 -17.85 4.16 -12.62
C LEU B 455 -16.58 3.96 -11.73
N GLU B 456 -15.87 5.05 -11.50
CA GLU B 456 -14.73 5.12 -10.59
C GLU B 456 -15.09 5.13 -9.09
N VAL B 457 -15.38 3.93 -8.59
CA VAL B 457 -15.73 3.70 -7.21
C VAL B 457 -15.11 2.40 -6.80
N GLY B 458 -14.95 2.25 -5.50
CA GLY B 458 -14.57 0.99 -4.87
C GLY B 458 -15.65 -0.06 -4.75
N MET B 459 -16.90 0.39 -4.73
CA MET B 459 -18.08 -0.38 -4.41
C MET B 459 -19.28 0.21 -5.14
N LEU B 460 -20.03 -0.65 -5.81
CA LEU B 460 -21.18 -0.27 -6.58
C LEU B 460 -22.34 -1.18 -6.21
N TRP B 461 -23.48 -0.60 -5.83
CA TRP B 461 -24.65 -1.35 -5.54
C TRP B 461 -25.75 -0.92 -6.48
N ILE B 462 -26.36 -1.90 -7.14
CA ILE B 462 -27.41 -1.66 -8.10
C ILE B 462 -28.73 -2.33 -7.67
N ASN B 463 -29.79 -1.51 -7.66
CA ASN B 463 -31.12 -1.90 -7.36
C ASN B 463 -31.30 -2.37 -5.93
N GLN B 464 -30.49 -1.86 -5.03
CA GLN B 464 -30.57 -2.23 -3.61
C GLN B 464 -29.72 -1.23 -2.86
N PRO B 465 -29.94 -1.10 -1.54
CA PRO B 465 -29.03 -0.30 -0.75
C PRO B 465 -27.69 -1.03 -0.49
N ALA B 466 -26.78 -0.33 0.20
CA ALA B 466 -25.51 -0.89 0.58
C ALA B 466 -25.70 -2.06 1.53
N THR B 467 -25.11 -3.20 1.18
CA THR B 467 -25.05 -4.38 2.04
C THR B 467 -23.56 -4.75 2.15
N PRO B 468 -22.79 -3.99 2.97
CA PRO B 468 -21.33 -4.18 3.05
C PRO B 468 -20.93 -5.33 4.00
N TRP B 469 -21.12 -6.54 3.53
CA TRP B 469 -20.80 -7.72 4.33
C TRP B 469 -19.30 -7.91 4.43
N PRO B 470 -18.82 -8.54 5.50
CA PRO B 470 -17.37 -8.77 5.71
C PRO B 470 -16.63 -9.51 4.62
N GLU B 471 -17.30 -10.44 3.96
CA GLU B 471 -16.75 -11.14 2.78
C GLU B 471 -16.57 -10.27 1.55
N MET B 472 -17.08 -9.04 1.54
CA MET B 472 -16.97 -8.17 0.33
C MET B 472 -15.91 -7.10 0.55
N PRO B 473 -14.97 -6.91 -0.41
CA PRO B 473 -14.03 -5.74 -0.33
C PRO B 473 -14.73 -4.42 -0.11
N PHE B 474 -14.05 -3.57 0.63
CA PHE B 474 -14.60 -2.33 1.08
C PHE B 474 -13.43 -1.38 1.17
N GLY B 475 -13.33 -0.52 0.18
CA GLY B 475 -12.23 0.45 0.13
C GLY B 475 -12.38 1.37 -1.04
N GLY B 476 -11.57 2.41 -1.07
CA GLY B 476 -11.67 3.44 -2.09
C GLY B 476 -10.63 3.40 -3.17
N VAL B 477 -10.79 4.36 -4.08
CA VAL B 477 -9.81 4.79 -5.07
C VAL B 477 -9.72 6.32 -5.00
N LYS B 478 -8.67 6.87 -5.62
CA LYS B 478 -8.43 8.30 -5.71
C LYS B 478 -8.33 8.90 -4.32
N ASP B 479 -9.01 10.01 -4.04
CA ASP B 479 -8.91 10.66 -2.71
C ASP B 479 -9.60 9.92 -1.60
N SER B 480 -10.33 8.84 -1.90
CA SER B 480 -10.98 8.10 -0.85
C SER B 480 -10.05 7.12 -0.17
N GLY B 481 -8.84 6.98 -0.68
CA GLY B 481 -7.82 6.20 -0.01
C GLY B 481 -7.53 4.88 -0.70
N TYR B 482 -7.06 3.93 0.08
CA TYR B 482 -6.55 2.67 -0.47
C TYR B 482 -6.46 1.60 0.61
N GLY B 483 -6.50 0.36 0.17
CA GLY B 483 -6.63 -0.76 1.08
C GLY B 483 -8.09 -1.18 1.25
N SER B 484 -8.31 -2.47 1.31
CA SER B 484 -9.61 -3.01 1.55
C SER B 484 -9.85 -3.35 3.03
N GLU B 485 -11.08 -3.24 3.49
CA GLU B 485 -11.45 -3.65 4.85
C GLU B 485 -12.47 -4.81 4.81
N GLY B 486 -12.69 -5.43 3.64
CA GLY B 486 -13.43 -6.67 3.53
C GLY B 486 -12.78 -7.69 2.58
N GLY B 487 -13.27 -8.90 2.69
CA GLY B 487 -12.80 -9.99 1.89
C GLY B 487 -11.41 -10.45 2.33
N PRO B 488 -10.84 -11.44 1.63
CA PRO B 488 -9.42 -11.86 1.84
C PRO B 488 -8.39 -10.70 1.64
N GLU B 489 -8.73 -9.78 0.72
CA GLU B 489 -7.94 -8.57 0.51
C GLU B 489 -7.80 -7.76 1.83
N ALA B 490 -8.74 -7.85 2.75
CA ALA B 490 -8.61 -7.14 4.04
C ALA B 490 -7.46 -7.61 4.92
N LEU B 491 -6.94 -8.83 4.69
CA LEU B 491 -5.78 -9.29 5.44
C LEU B 491 -4.44 -8.86 4.85
N GLU B 492 -4.39 -8.55 3.58
CA GLU B 492 -3.14 -8.21 2.93
C GLU B 492 -2.41 -7.00 3.50
N PRO B 493 -3.11 -5.94 3.90
CA PRO B 493 -2.38 -4.87 4.56
C PRO B 493 -1.71 -5.20 5.91
N TYR B 494 -2.13 -6.31 6.53
CA TYR B 494 -1.63 -6.77 7.82
C TYR B 494 -0.62 -7.92 7.63
N LEU B 495 -0.24 -8.21 6.39
CA LEU B 495 0.65 -9.39 6.08
C LEU B 495 1.89 -8.98 5.34
N VAL B 496 2.99 -9.64 5.60
CA VAL B 496 4.17 -9.54 4.72
C VAL B 496 4.31 -10.83 3.91
N THR B 497 4.79 -10.70 2.68
CA THR B 497 4.87 -11.83 1.77
C THR B 497 6.36 -12.10 1.59
N LYS B 498 6.79 -13.34 1.87
CA LYS B 498 8.20 -13.75 1.90
C LYS B 498 8.46 -14.85 0.88
N SER B 499 9.34 -14.61 -0.09
CA SER B 499 9.80 -15.67 -1.02
C SER B 499 10.93 -16.46 -0.36
N VAL B 500 10.80 -17.77 -0.30
CA VAL B 500 11.79 -18.67 0.27
C VAL B 500 12.19 -19.77 -0.76
N THR B 501 13.45 -19.83 -1.09
CA THR B 501 13.95 -20.80 -2.03
C THR B 501 15.04 -21.60 -1.35
N VAL B 502 14.85 -22.93 -1.19
CA VAL B 502 15.79 -23.80 -0.48
C VAL B 502 16.30 -24.87 -1.43
N MET B 503 17.60 -24.89 -1.70
CA MET B 503 18.25 -25.93 -2.52
C MET B 503 18.65 -27.14 -1.66
N ALA B 504 18.09 -28.30 -1.99
CA ALA B 504 18.55 -29.58 -1.46
C ALA B 504 19.90 -29.90 -2.09
PA NAD C . 21.10 9.36 -4.26
O1A NAD C . 20.65 8.72 -2.95
O2A NAD C . 21.19 10.89 -4.51
O5B NAD C . 20.20 8.63 -5.43
C5B NAD C . 19.53 7.34 -5.33
C4B NAD C . 18.55 7.16 -6.51
O4B NAD C . 17.41 8.00 -6.27
C3B NAD C . 19.10 7.58 -7.88
O3B NAD C . 18.67 6.66 -8.88
C2B NAD C . 18.61 9.03 -8.12
O2B NAD C . 18.31 9.42 -9.49
C1B NAD C . 17.31 9.03 -7.32
N9A NAD C . 16.89 10.32 -6.66
C8A NAD C . 17.58 11.08 -5.75
N7A NAD C . 16.83 12.14 -5.30
C5A NAD C . 15.65 12.03 -5.93
C6A NAD C . 14.38 12.79 -5.93
N6A NAD C . 14.30 13.88 -5.16
N1A NAD C . 13.36 12.38 -6.72
C2A NAD C . 13.47 11.27 -7.49
N3A NAD C . 14.59 10.51 -7.55
C4A NAD C . 15.68 10.85 -6.82
O3 NAD C . 22.63 8.87 -4.49
PN NAD C . 23.24 7.53 -5.20
O1N NAD C . 24.75 7.79 -5.16
O2N NAD C . 22.52 7.28 -6.52
O5D NAD C . 22.86 6.30 -4.21
C5D NAD C . 23.29 6.29 -2.84
C4D NAD C . 22.71 5.03 -2.18
O4D NAD C . 21.35 4.75 -2.53
C3D NAD C . 23.38 3.76 -2.66
O3D NAD C . 24.71 3.66 -2.15
C2D NAD C . 22.38 2.72 -2.15
O2D NAD C . 22.48 2.54 -0.72
C1D NAD C . 21.04 3.34 -2.54
N1N NAD C . 20.52 2.77 -3.82
C2N NAD C . 19.64 1.73 -3.79
C3N NAD C . 19.15 1.12 -4.98
C7N NAD C . 18.12 -0.03 -4.96
O7N NAD C . 17.21 -0.10 -4.16
N7N NAD C . 18.20 -1.00 -5.85
C4N NAD C . 19.60 1.62 -6.21
C5N NAD C . 20.51 2.68 -6.23
C6N NAD C . 20.95 3.24 -5.02
C1 GOL D . 14.24 21.10 -29.75
O1 GOL D . 15.30 21.28 -28.80
C2 GOL D . 14.96 21.00 -31.08
O2 GOL D . 15.09 19.61 -31.48
C3 GOL D . 14.22 21.83 -32.11
O3 GOL D . 12.91 21.28 -32.39
PA NAD E . -11.82 16.19 11.63
O1A NAD E . -11.54 16.30 10.15
O2A NAD E . -10.91 16.98 12.57
O5B NAD E . -11.86 14.63 12.04
C5B NAD E . -11.54 13.55 11.15
C4B NAD E . -11.30 12.31 11.98
O4B NAD E . -9.89 12.30 12.20
C3B NAD E . -11.98 12.31 13.38
O3B NAD E . -12.45 11.01 13.71
C2B NAD E . -10.87 12.78 14.35
O2B NAD E . -10.89 12.16 15.65
C1B NAD E . -9.59 12.37 13.62
N9A NAD E . -8.43 13.27 13.63
C8A NAD E . -8.38 14.61 13.40
N7A NAD E . -7.10 15.03 13.41
C5A NAD E . -6.31 13.95 13.65
C6A NAD E . -4.87 13.68 13.77
N6A NAD E . -4.00 14.72 13.67
N1A NAD E . -4.44 12.42 14.01
C2A NAD E . -5.35 11.41 14.13
N3A NAD E . -6.68 11.55 14.01
C4A NAD E . -7.18 12.78 13.79
O3 NAD E . -13.33 16.74 11.78
PN NAD E . -14.78 16.15 12.24
O1N NAD E . -14.74 14.88 13.03
O2N NAD E . -15.54 17.40 12.65
O5D NAD E . -15.51 16.04 10.85
C5D NAD E . -15.24 14.92 10.16
C4D NAD E . -15.50 15.18 8.70
O4D NAD E . -14.54 14.35 8.10
C3D NAD E . -16.86 14.65 8.25
O3D NAD E . -17.76 15.68 7.87
C2D NAD E . -16.54 13.69 7.14
O2D NAD E . -16.64 14.31 5.85
C1D NAD E . -15.14 13.23 7.48
N1N NAD E . -15.22 11.97 8.24
C2N NAD E . -15.21 10.82 7.53
C3N NAD E . -15.34 9.55 8.13
C7N NAD E . -15.34 8.28 7.31
O7N NAD E . -16.04 7.30 7.66
N7N NAD E . -14.58 8.23 6.19
C4N NAD E . -15.46 9.49 9.50
C5N NAD E . -15.49 10.66 10.24
C6N NAD E . -15.35 11.87 9.59
#